data_5F94
#
_entry.id   5F94
#
_cell.length_a   83.000
_cell.length_b   82.910
_cell.length_c   177.348
_cell.angle_alpha   90.00
_cell.angle_beta   90.00
_cell.angle_gamma   90.00
#
_symmetry.space_group_name_H-M   'P 21 21 21'
#
loop_
_entity.id
_entity.type
_entity.pdbx_description
1 polymer 'Glycogen synthase kinase-3 beta'
2 non-polymer 2-[(cyclopropylcarbonyl)amino]-N-(4-methoxypyridin-3-yl)pyridine-4-carboxamide
3 water water
#
_entity_poly.entity_id   1
_entity_poly.type   'polypeptide(L)'
_entity_poly.pdbx_seq_one_letter_code
;KVTTVVATPGQGPDRPQEVSYTDTKVIGNGSFGVVYQAKLCDSGELVAIKKVLQDKRFKNRELQIMRKLDHCNIVRLRYF
FYSSGEKKDEVYLNLVLDYVPETVYRVARHYSRAKQTLPVIYVKLYMYQLFRSLAYIHSFGICHRDIKPQNLLLDPDTAV
LKLCDFGSAKQLVRGEPNVSYICSRYYRAPELIFGATDYTSSIDVWSAGCVLAELLLGQPIFPGDSGVDQLVEIIKVLGT
PTREQIREMNPNYTEFKFPQIKAHPWTKVFRPRTPPEAIALCSRLLEYTPTARLTPLEACAHSFFDELRDPNVKLPNGRD
TPALFNFTTQELSSNPPLATILIPPHARIQ
;
_entity_poly.pdbx_strand_id   A,B
#
loop_
_chem_comp.id
_chem_comp.type
_chem_comp.name
_chem_comp.formula
3UO non-polymer 2-[(cyclopropylcarbonyl)amino]-N-(4-methoxypyridin-3-yl)pyridine-4-carboxamide 'C16 H16 N4 O3'
#
# COMPACT_ATOMS: atom_id res chain seq x y z
N LYS A 1 -32.28 -21.09 8.25
CA LYS A 1 -32.58 -21.75 6.99
C LYS A 1 -32.93 -20.71 5.93
N VAL A 2 -34.20 -20.35 5.84
CA VAL A 2 -34.66 -19.37 4.85
C VAL A 2 -34.84 -17.96 5.43
N THR A 3 -34.17 -16.98 4.83
CA THR A 3 -34.35 -15.58 5.20
C THR A 3 -35.31 -14.89 4.24
N THR A 4 -36.31 -14.21 4.79
CA THR A 4 -37.26 -13.47 3.95
C THR A 4 -37.19 -11.98 4.25
N VAL A 5 -36.96 -11.20 3.20
CA VAL A 5 -36.85 -9.75 3.35
C VAL A 5 -37.81 -9.03 2.40
N VAL A 6 -38.07 -7.76 2.68
CA VAL A 6 -38.83 -6.93 1.77
C VAL A 6 -37.82 -5.97 1.13
N ALA A 7 -37.40 -6.31 -0.08
CA ALA A 7 -36.31 -5.62 -0.74
C ALA A 7 -36.79 -4.78 -1.91
N THR A 8 -36.13 -3.64 -2.06
CA THR A 8 -36.40 -2.74 -3.15
C THR A 8 -35.60 -3.15 -4.37
N PRO A 9 -36.28 -3.31 -5.51
CA PRO A 9 -35.58 -3.66 -6.75
C PRO A 9 -34.57 -2.57 -7.11
N GLY A 10 -33.42 -2.94 -7.63
CA GLY A 10 -32.39 -1.96 -7.91
C GLY A 10 -32.84 -0.94 -8.93
N GLN A 11 -33.58 -1.39 -9.94
CA GLN A 11 -33.95 -0.51 -11.03
C GLN A 11 -35.41 -0.08 -10.87
N GLY A 12 -35.90 0.73 -11.81
CA GLY A 12 -37.25 1.26 -11.79
C GLY A 12 -37.72 1.97 -10.53
N PRO A 13 -39.04 2.05 -10.35
CA PRO A 13 -39.64 2.73 -9.21
C PRO A 13 -39.42 2.00 -7.88
N ASP A 14 -39.39 2.78 -6.81
CA ASP A 14 -39.16 2.26 -5.48
C ASP A 14 -40.37 1.45 -4.97
N ARG A 15 -40.52 0.24 -5.49
CA ARG A 15 -41.62 -0.65 -5.09
C ARG A 15 -41.12 -2.00 -4.53
N PRO A 16 -40.97 -2.09 -3.21
CA PRO A 16 -40.36 -3.27 -2.59
C PRO A 16 -41.14 -4.55 -2.78
N GLN A 17 -40.49 -5.69 -2.60
CA GLN A 17 -41.14 -6.99 -2.72
C GLN A 17 -40.49 -7.98 -1.77
N GLU A 18 -41.29 -8.96 -1.35
CA GLU A 18 -40.84 -10.02 -0.47
C GLU A 18 -39.94 -10.94 -1.28
N VAL A 19 -38.68 -10.99 -0.86
CA VAL A 19 -37.64 -11.80 -1.46
C VAL A 19 -37.12 -12.79 -0.44
N SER A 20 -36.95 -14.05 -0.83
CA SER A 20 -36.48 -15.07 0.10
C SER A 20 -35.20 -15.71 -0.39
N TYR A 21 -34.24 -15.87 0.52
CA TYR A 21 -32.99 -16.51 0.14
C TYR A 21 -32.50 -17.46 1.20
N THR A 22 -31.60 -18.35 0.79
CA THR A 22 -31.04 -19.34 1.69
C THR A 22 -29.60 -19.64 1.31
N ASP A 23 -29.01 -20.64 1.96
CA ASP A 23 -27.66 -21.14 1.66
C ASP A 23 -26.58 -20.07 1.80
N THR A 24 -26.69 -19.27 2.86
CA THR A 24 -25.79 -18.15 3.09
C THR A 24 -24.39 -18.59 3.51
N LYS A 25 -23.40 -18.06 2.79
CA LYS A 25 -21.99 -18.30 3.10
C LYS A 25 -21.24 -16.99 2.97
N VAL A 26 -20.19 -16.79 3.77
CA VAL A 26 -19.37 -15.60 3.61
C VAL A 26 -18.42 -15.82 2.46
N ILE A 27 -18.22 -14.81 1.62
CA ILE A 27 -17.28 -14.96 0.52
C ILE A 27 -16.32 -13.77 0.46
N GLY A 28 -16.38 -12.90 1.45
CA GLY A 28 -15.54 -11.73 1.47
C GLY A 28 -15.71 -10.83 2.68
N ASN A 29 -14.58 -10.39 3.21
CA ASN A 29 -14.55 -9.35 4.23
C ASN A 29 -13.79 -8.15 3.67
N GLY A 30 -13.93 -7.01 4.33
CA GLY A 30 -13.25 -5.83 3.88
C GLY A 30 -13.47 -4.73 4.89
N SER A 31 -12.85 -3.59 4.66
CA SER A 31 -13.04 -2.44 5.53
C SER A 31 -14.50 -2.00 5.49
N PHE A 32 -15.15 -2.27 4.35
CA PHE A 32 -16.54 -1.89 4.14
C PHE A 32 -17.49 -2.72 4.99
N GLY A 33 -17.10 -3.97 5.26
CA GLY A 33 -17.98 -4.91 5.91
C GLY A 33 -17.84 -6.31 5.33
N VAL A 34 -18.96 -6.96 5.04
CA VAL A 34 -18.98 -8.37 4.65
C VAL A 34 -19.76 -8.61 3.37
N VAL A 35 -19.27 -9.53 2.53
CA VAL A 35 -20.01 -10.01 1.36
C VAL A 35 -20.46 -11.46 1.54
N TYR A 36 -21.76 -11.68 1.57
CA TYR A 36 -22.31 -13.02 1.67
C TYR A 36 -22.70 -13.50 0.29
N GLN A 37 -22.78 -14.81 0.13
CA GLN A 37 -23.40 -15.38 -1.05
C GLN A 37 -24.72 -16.00 -0.59
N ALA A 38 -25.71 -16.05 -1.47
CA ALA A 38 -26.97 -16.70 -1.13
C ALA A 38 -27.71 -17.15 -2.40
N LYS A 39 -28.69 -18.02 -2.21
CA LYS A 39 -29.50 -18.55 -3.29
C LYS A 39 -30.94 -18.06 -3.15
N LEU A 40 -31.44 -17.37 -4.17
CA LEU A 40 -32.83 -16.93 -4.14
C LEU A 40 -33.77 -18.12 -4.24
N CYS A 41 -34.78 -18.15 -3.39
CA CYS A 41 -35.76 -19.24 -3.41
C CYS A 41 -36.63 -19.19 -4.67
N ASP A 42 -36.91 -17.99 -5.14
CA ASP A 42 -37.76 -17.81 -6.32
C ASP A 42 -37.17 -18.50 -7.56
N SER A 43 -35.91 -18.17 -7.87
CA SER A 43 -35.30 -18.58 -9.13
C SER A 43 -34.19 -19.61 -8.98
N GLY A 44 -33.69 -19.77 -7.76
CA GLY A 44 -32.54 -20.62 -7.52
C GLY A 44 -31.25 -19.89 -7.88
N GLU A 45 -31.38 -18.65 -8.33
CA GLU A 45 -30.22 -17.86 -8.73
C GLU A 45 -29.31 -17.50 -7.56
N LEU A 46 -28.01 -17.43 -7.83
CA LEU A 46 -27.03 -17.05 -6.81
C LEU A 46 -26.82 -15.55 -6.77
N VAL A 47 -26.73 -15.00 -5.58
CA VAL A 47 -26.50 -13.57 -5.44
C VAL A 47 -25.38 -13.31 -4.46
N ALA A 48 -24.72 -12.17 -4.60
CA ALA A 48 -23.80 -11.70 -3.56
C ALA A 48 -24.51 -10.62 -2.79
N ILE A 49 -24.56 -10.75 -1.47
CA ILE A 49 -25.12 -9.69 -0.66
C ILE A 49 -24.01 -8.93 0.04
N LYS A 50 -23.80 -7.68 -0.36
CA LYS A 50 -22.83 -6.82 0.30
C LYS A 50 -23.50 -6.06 1.44
N LYS A 51 -23.04 -6.27 2.67
CA LYS A 51 -23.67 -5.68 3.85
C LYS A 51 -22.77 -4.61 4.45
N VAL A 52 -23.24 -3.37 4.46
CA VAL A 52 -22.44 -2.27 4.98
C VAL A 52 -23.21 -1.50 6.06
N LEU A 53 -22.50 -1.04 7.08
CA LEU A 53 -23.10 -0.21 8.11
C LEU A 53 -23.68 1.00 7.40
N GLN A 54 -24.94 1.35 7.72
CA GLN A 54 -25.56 2.50 7.09
C GLN A 54 -25.62 3.64 8.07
N ASP A 55 -24.89 4.68 7.74
CA ASP A 55 -24.77 5.79 8.64
C ASP A 55 -24.82 7.09 7.88
N LYS A 56 -25.82 7.93 8.14
CA LYS A 56 -27.00 7.70 8.99
C LYS A 56 -27.68 9.00 8.68
N ARG A 57 -26.82 10.00 8.54
CA ARG A 57 -27.13 11.33 8.07
C ARG A 57 -27.69 11.23 6.66
N PHE A 58 -26.84 10.85 5.72
CA PHE A 58 -27.20 10.91 4.31
C PHE A 58 -27.39 9.55 3.64
N LYS A 59 -27.74 9.60 2.36
CA LYS A 59 -27.93 8.40 1.56
C LYS A 59 -26.58 7.78 1.24
N ASN A 60 -26.57 6.46 1.18
CA ASN A 60 -25.37 5.76 0.83
C ASN A 60 -24.96 6.07 -0.63
N ARG A 61 -23.78 6.64 -0.81
CA ARG A 61 -23.27 7.04 -2.12
C ARG A 61 -23.17 5.87 -3.08
N GLU A 62 -22.72 4.73 -2.59
CA GLU A 62 -22.59 3.55 -3.43
C GLU A 62 -23.94 3.08 -3.98
N LEU A 63 -24.97 3.17 -3.14
CA LEU A 63 -26.29 2.72 -3.52
C LEU A 63 -26.86 3.63 -4.61
N GLN A 64 -26.70 4.93 -4.39
CA GLN A 64 -27.16 5.97 -5.29
C GLN A 64 -26.49 5.79 -6.66
N ILE A 65 -25.19 5.49 -6.64
CA ILE A 65 -24.46 5.27 -7.88
C ILE A 65 -24.88 3.97 -8.57
N MET A 66 -24.99 2.87 -7.83
CA MET A 66 -25.39 1.60 -8.43
C MET A 66 -26.82 1.56 -8.97
N ARG A 67 -27.72 2.33 -8.37
CA ARG A 67 -29.11 2.35 -8.81
C ARG A 67 -29.26 2.99 -10.19
N LYS A 68 -28.31 3.81 -10.61
CA LYS A 68 -28.43 4.45 -11.89
C LYS A 68 -27.55 3.76 -12.95
N LEU A 69 -26.81 2.73 -12.55
CA LEU A 69 -25.98 1.98 -13.49
C LEU A 69 -26.72 0.77 -14.02
N ASP A 70 -26.72 0.65 -15.34
CA ASP A 70 -27.35 -0.48 -16.02
C ASP A 70 -26.50 -0.88 -17.24
N HIS A 71 -25.73 -1.96 -17.13
CA HIS A 71 -24.77 -2.28 -18.18
C HIS A 71 -24.29 -3.73 -18.09
N CYS A 72 -24.04 -4.34 -19.25
CA CYS A 72 -23.74 -5.77 -19.32
C CYS A 72 -22.36 -6.09 -18.77
N ASN A 73 -21.48 -5.08 -18.69
CA ASN A 73 -20.16 -5.23 -18.08
C ASN A 73 -20.02 -4.58 -16.69
N ILE A 74 -21.13 -4.40 -15.98
CA ILE A 74 -21.12 -3.86 -14.63
C ILE A 74 -22.00 -4.77 -13.78
N VAL A 75 -21.54 -5.09 -12.58
CA VAL A 75 -22.25 -6.03 -11.73
C VAL A 75 -23.68 -5.51 -11.51
N ARG A 76 -24.66 -6.42 -11.58
CA ARG A 76 -26.06 -6.00 -11.53
C ARG A 76 -26.61 -5.97 -10.10
N LEU A 77 -27.10 -4.81 -9.71
CA LEU A 77 -27.81 -4.66 -8.45
C LEU A 77 -29.26 -5.13 -8.58
N ARG A 78 -29.53 -6.36 -8.18
CA ARG A 78 -30.90 -6.88 -8.22
C ARG A 78 -31.81 -6.24 -7.17
N TYR A 79 -31.36 -6.21 -5.92
CA TYR A 79 -32.12 -5.55 -4.84
C TYR A 79 -31.21 -4.86 -3.82
N PHE A 80 -31.86 -4.16 -2.91
CA PHE A 80 -31.23 -3.70 -1.70
C PHE A 80 -32.31 -3.64 -0.63
N PHE A 81 -31.88 -3.78 0.63
CA PHE A 81 -32.78 -3.72 1.77
C PHE A 81 -32.02 -3.34 3.04
N TYR A 82 -32.75 -2.99 4.08
CA TYR A 82 -32.10 -2.64 5.36
C TYR A 82 -32.35 -3.71 6.42
N SER A 83 -31.41 -3.84 7.34
CA SER A 83 -31.52 -4.82 8.41
C SER A 83 -30.63 -4.47 9.60
N SER A 84 -30.71 -5.32 10.63
CA SER A 84 -29.86 -5.23 11.80
C SER A 84 -28.79 -6.31 11.62
N GLY A 85 -28.37 -6.94 12.73
CA GLY A 85 -27.28 -7.91 12.70
C GLY A 85 -25.98 -7.19 12.97
N GLU A 86 -25.39 -7.46 14.14
CA GLU A 86 -24.20 -6.79 14.65
C GLU A 86 -24.58 -5.36 15.08
N LYS A 87 -23.72 -4.72 15.88
CA LYS A 87 -23.93 -3.36 16.37
C LYS A 87 -25.20 -3.18 17.23
N LYS A 88 -26.37 -3.50 16.66
CA LYS A 88 -27.68 -3.27 17.31
C LYS A 88 -27.98 -1.78 17.53
N ASP A 89 -29.17 -1.37 17.08
CA ASP A 89 -29.61 0.02 16.94
C ASP A 89 -28.95 0.68 15.72
N GLU A 90 -27.79 0.16 15.34
CA GLU A 90 -27.18 0.58 14.08
C GLU A 90 -27.82 -0.22 12.95
N VAL A 91 -28.04 0.46 11.85
CA VAL A 91 -28.77 -0.09 10.72
C VAL A 91 -27.84 -0.42 9.57
N TYR A 92 -28.11 -1.52 8.89
CA TYR A 92 -27.28 -1.94 7.79
C TYR A 92 -27.99 -1.84 6.44
N LEU A 93 -27.23 -1.50 5.41
CA LEU A 93 -27.68 -1.54 4.04
C LEU A 93 -27.14 -2.80 3.39
N ASN A 94 -28.01 -3.56 2.73
CA ASN A 94 -27.59 -4.79 2.05
C ASN A 94 -27.78 -4.65 0.55
N LEU A 95 -26.70 -4.80 -0.20
CA LEU A 95 -26.78 -4.75 -1.65
C LEU A 95 -26.83 -6.14 -2.20
N VAL A 96 -27.92 -6.47 -2.89
CA VAL A 96 -28.04 -7.80 -3.47
C VAL A 96 -27.65 -7.75 -4.95
N LEU A 97 -26.50 -8.35 -5.24
CA LEU A 97 -25.92 -8.32 -6.57
C LEU A 97 -25.97 -9.69 -7.18
N ASP A 98 -26.15 -9.73 -8.50
CA ASP A 98 -26.03 -10.98 -9.26
C ASP A 98 -24.64 -11.57 -9.05
N TYR A 99 -24.61 -12.82 -8.63
CA TYR A 99 -23.36 -13.48 -8.35
C TYR A 99 -22.56 -13.84 -9.60
N VAL A 100 -21.26 -13.57 -9.54
CA VAL A 100 -20.33 -13.93 -10.59
C VAL A 100 -19.24 -14.81 -9.95
N PRO A 101 -18.94 -15.97 -10.55
CA PRO A 101 -18.13 -16.99 -9.84
C PRO A 101 -16.62 -16.74 -9.76
N GLU A 102 -16.05 -15.92 -10.62
CA GLU A 102 -14.60 -15.75 -10.66
C GLU A 102 -14.15 -14.31 -10.74
N THR A 103 -12.84 -14.10 -10.67
CA THR A 103 -12.27 -12.77 -10.84
C THR A 103 -11.05 -12.80 -11.72
N VAL A 104 -10.65 -11.65 -12.24
CA VAL A 104 -9.43 -11.57 -13.03
C VAL A 104 -8.25 -11.94 -12.16
N TYR A 105 -8.31 -11.51 -10.89
CA TYR A 105 -7.27 -11.76 -9.93
C TYR A 105 -7.03 -13.26 -9.72
N ARG A 106 -8.10 -13.99 -9.44
CA ARG A 106 -7.94 -15.43 -9.23
C ARG A 106 -7.50 -16.14 -10.50
N VAL A 107 -8.09 -15.77 -11.64
CA VAL A 107 -7.69 -16.39 -12.91
C VAL A 107 -6.23 -16.08 -13.25
N ALA A 108 -5.82 -14.81 -13.14
CA ALA A 108 -4.43 -14.44 -13.44
C ALA A 108 -3.41 -15.17 -12.56
N ARG A 109 -3.78 -15.43 -11.32
CA ARG A 109 -2.89 -16.05 -10.36
C ARG A 109 -2.80 -17.55 -10.62
N HIS A 110 -3.86 -18.13 -11.17
CA HIS A 110 -3.76 -19.52 -11.59
C HIS A 110 -2.69 -19.64 -12.66
N TYR A 111 -2.72 -18.73 -13.61
CA TYR A 111 -1.76 -18.79 -14.69
C TYR A 111 -0.37 -18.49 -14.17
N SER A 112 -0.28 -17.58 -13.23
CA SER A 112 1.03 -17.12 -12.79
C SER A 112 1.70 -18.24 -11.99
N ARG A 113 0.95 -18.92 -11.12
CA ARG A 113 1.47 -20.04 -10.34
C ARG A 113 1.78 -21.26 -11.23
N ALA A 114 1.24 -21.28 -12.43
CA ALA A 114 1.54 -22.37 -13.37
C ALA A 114 2.67 -21.91 -14.27
N LYS A 115 3.15 -20.70 -14.01
CA LYS A 115 4.25 -20.11 -14.78
C LYS A 115 3.85 -20.02 -16.26
N GLN A 116 2.55 -19.84 -16.52
CA GLN A 116 2.06 -19.66 -17.88
C GLN A 116 1.43 -18.29 -18.03
N THR A 117 1.25 -17.86 -19.26
CA THR A 117 0.59 -16.58 -19.46
C THR A 117 -0.84 -16.82 -19.90
N LEU A 118 -1.75 -15.99 -19.40
CA LEU A 118 -3.12 -15.98 -19.91
C LEU A 118 -3.04 -15.78 -21.42
N PRO A 119 -3.71 -16.65 -22.18
CA PRO A 119 -3.72 -16.50 -23.64
C PRO A 119 -4.27 -15.13 -24.08
N VAL A 120 -3.58 -14.45 -24.99
CA VAL A 120 -3.92 -13.09 -25.42
C VAL A 120 -5.41 -12.87 -25.78
N ILE A 121 -6.09 -13.89 -26.27
CA ILE A 121 -7.51 -13.73 -26.61
C ILE A 121 -8.31 -13.34 -25.37
N TYR A 122 -7.94 -13.90 -24.23
CA TYR A 122 -8.60 -13.55 -22.97
C TYR A 122 -8.20 -12.15 -22.54
N VAL A 123 -6.93 -11.79 -22.74
CA VAL A 123 -6.52 -10.44 -22.42
C VAL A 123 -7.36 -9.43 -23.21
N LYS A 124 -7.49 -9.65 -24.51
CA LYS A 124 -8.32 -8.84 -25.38
C LYS A 124 -9.77 -8.76 -24.88
N LEU A 125 -10.38 -9.91 -24.65
CA LEU A 125 -11.75 -9.97 -24.17
C LEU A 125 -11.97 -9.19 -22.88
N TYR A 126 -11.18 -9.54 -21.86
CA TYR A 126 -11.31 -8.94 -20.55
C TYR A 126 -11.03 -7.45 -20.60
N MET A 127 -9.92 -7.07 -21.21
CA MET A 127 -9.57 -5.66 -21.27
C MET A 127 -10.59 -4.83 -22.01
N TYR A 128 -11.08 -5.36 -23.14
CA TYR A 128 -12.08 -4.66 -23.92
C TYR A 128 -13.34 -4.39 -23.09
N GLN A 129 -13.85 -5.43 -22.44
CA GLN A 129 -15.05 -5.26 -21.64
C GLN A 129 -14.79 -4.31 -20.44
N LEU A 130 -13.57 -4.32 -19.91
CA LEU A 130 -13.25 -3.37 -18.84
C LEU A 130 -13.36 -1.94 -19.41
N PHE A 131 -12.79 -1.70 -20.57
CA PHE A 131 -12.85 -0.36 -21.11
C PHE A 131 -14.27 0.08 -21.47
N ARG A 132 -15.14 -0.86 -21.80
CA ARG A 132 -16.54 -0.53 -22.05
C ARG A 132 -17.20 -0.05 -20.76
N SER A 133 -16.99 -0.81 -19.68
CA SER A 133 -17.61 -0.46 -18.39
C SER A 133 -17.12 0.93 -17.97
N LEU A 134 -15.85 1.22 -18.21
CA LEU A 134 -15.32 2.56 -17.94
C LEU A 134 -15.92 3.66 -18.84
N ALA A 135 -16.04 3.38 -20.15
CA ALA A 135 -16.60 4.34 -21.10
C ALA A 135 -17.98 4.73 -20.62
N TYR A 136 -18.70 3.72 -20.13
CA TYR A 136 -20.04 3.88 -19.61
C TYR A 136 -20.12 4.71 -18.33
N ILE A 137 -19.37 4.33 -17.29
CA ILE A 137 -19.47 5.07 -16.03
C ILE A 137 -18.88 6.47 -16.20
N HIS A 138 -17.83 6.61 -17.00
CA HIS A 138 -17.31 7.94 -17.26
C HIS A 138 -18.34 8.80 -18.01
N SER A 139 -19.23 8.21 -18.80
CA SER A 139 -20.21 9.07 -19.50
C SER A 139 -21.20 9.75 -18.51
N PHE A 140 -21.35 9.19 -17.31
CA PHE A 140 -22.13 9.87 -16.26
C PHE A 140 -21.26 10.73 -15.35
N GLY A 141 -19.95 10.80 -15.61
CA GLY A 141 -19.06 11.59 -14.76
C GLY A 141 -18.55 10.82 -13.53
N ILE A 142 -18.98 9.56 -13.41
CA ILE A 142 -18.60 8.66 -12.33
C ILE A 142 -17.21 8.03 -12.52
N CYS A 143 -16.36 8.19 -11.52
CA CYS A 143 -15.06 7.55 -11.52
C CYS A 143 -15.09 6.40 -10.53
N HIS A 144 -14.60 5.24 -10.93
CA HIS A 144 -14.63 4.08 -10.06
C HIS A 144 -13.63 4.23 -8.89
N ARG A 145 -12.40 4.65 -9.25
CA ARG A 145 -11.33 4.98 -8.31
C ARG A 145 -10.75 3.78 -7.56
N ASP A 146 -11.16 2.55 -7.91
CA ASP A 146 -10.49 1.38 -7.35
C ASP A 146 -10.42 0.24 -8.36
N ILE A 147 -9.99 0.56 -9.59
CA ILE A 147 -9.82 -0.46 -10.62
C ILE A 147 -8.63 -1.31 -10.29
N LYS A 148 -8.91 -2.60 -10.14
CA LYS A 148 -7.90 -3.59 -9.82
C LYS A 148 -8.51 -4.97 -10.13
N PRO A 149 -7.64 -5.99 -10.33
CA PRO A 149 -8.06 -7.36 -10.69
C PRO A 149 -9.12 -8.00 -9.81
N GLN A 150 -9.13 -7.71 -8.53
CA GLN A 150 -10.12 -8.31 -7.65
C GLN A 150 -11.52 -7.74 -7.84
N ASN A 151 -11.60 -6.58 -8.49
CA ASN A 151 -12.89 -5.94 -8.72
C ASN A 151 -13.39 -6.20 -10.11
N LEU A 152 -12.71 -7.13 -10.80
CA LEU A 152 -13.11 -7.55 -12.12
C LEU A 152 -13.63 -8.99 -12.09
N LEU A 153 -14.95 -9.10 -12.13
CA LEU A 153 -15.64 -10.39 -12.07
C LEU A 153 -15.66 -11.05 -13.44
N LEU A 154 -15.64 -12.37 -13.46
CA LEU A 154 -15.60 -13.15 -14.69
C LEU A 154 -16.56 -14.32 -14.62
N ASP A 155 -17.29 -14.55 -15.71
CA ASP A 155 -17.89 -15.85 -15.90
C ASP A 155 -16.98 -16.62 -16.86
N PRO A 156 -16.29 -17.66 -16.37
CA PRO A 156 -15.29 -18.37 -17.20
C PRO A 156 -15.92 -19.07 -18.42
N ASP A 157 -17.19 -19.46 -18.29
CA ASP A 157 -17.92 -20.14 -19.36
C ASP A 157 -18.20 -19.20 -20.53
N THR A 158 -18.61 -17.98 -20.23
CA THR A 158 -19.02 -17.05 -21.28
C THR A 158 -17.98 -15.97 -21.56
N ALA A 159 -16.98 -15.92 -20.69
CA ALA A 159 -15.92 -14.92 -20.76
C ALA A 159 -16.44 -13.50 -20.58
N VAL A 160 -17.59 -13.35 -19.90
CA VAL A 160 -18.09 -12.01 -19.63
C VAL A 160 -17.41 -11.44 -18.40
N LEU A 161 -16.95 -10.20 -18.50
CA LEU A 161 -16.37 -9.50 -17.38
C LEU A 161 -17.34 -8.47 -16.80
N LYS A 162 -17.41 -8.39 -15.48
CA LYS A 162 -18.23 -7.35 -14.88
C LYS A 162 -17.44 -6.60 -13.84
N LEU A 163 -17.41 -5.28 -14.00
CA LEU A 163 -16.82 -4.39 -13.00
C LEU A 163 -17.64 -4.33 -11.71
N CYS A 164 -17.01 -4.48 -10.57
CA CYS A 164 -17.73 -4.34 -9.29
C CYS A 164 -17.00 -3.44 -8.27
N ASP A 165 -17.56 -3.44 -7.06
CA ASP A 165 -17.09 -2.63 -5.95
C ASP A 165 -17.11 -1.15 -6.28
N PHE A 166 -18.29 -0.56 -6.15
CA PHE A 166 -18.41 0.87 -6.35
C PHE A 166 -18.34 1.60 -5.00
N GLY A 167 -17.74 0.93 -4.01
CA GLY A 167 -17.52 1.50 -2.69
C GLY A 167 -16.73 2.80 -2.69
N SER A 168 -15.78 2.93 -3.60
CA SER A 168 -14.95 4.13 -3.75
C SER A 168 -15.43 5.09 -4.86
N ALA A 169 -16.47 4.71 -5.59
CA ALA A 169 -16.83 5.44 -6.79
C ALA A 169 -17.40 6.80 -6.43
N LYS A 170 -17.07 7.79 -7.26
CA LYS A 170 -17.58 9.13 -7.02
C LYS A 170 -17.85 9.86 -8.33
N GLN A 171 -18.89 10.68 -8.30
CA GLN A 171 -19.16 11.60 -9.38
C GLN A 171 -18.19 12.76 -9.33
N LEU A 172 -17.25 12.80 -10.27
CA LEU A 172 -16.25 13.87 -10.29
C LEU A 172 -16.76 15.16 -10.94
N VAL A 173 -16.63 16.24 -10.18
CA VAL A 173 -16.98 17.59 -10.59
C VAL A 173 -15.74 18.48 -10.64
N ARG A 174 -15.51 19.08 -11.80
CA ARG A 174 -14.37 19.97 -12.00
C ARG A 174 -14.33 21.07 -10.93
N GLY A 175 -13.23 21.16 -10.20
CA GLY A 175 -13.09 22.26 -9.25
C GLY A 175 -13.56 21.89 -7.85
N GLU A 176 -14.23 20.75 -7.74
CA GLU A 176 -14.55 20.21 -6.44
C GLU A 176 -13.49 19.16 -6.14
N PRO A 177 -12.75 19.36 -5.04
CA PRO A 177 -11.64 18.43 -4.76
C PRO A 177 -12.10 17.08 -4.22
N ASN A 178 -11.26 16.07 -4.43
CA ASN A 178 -11.55 14.69 -4.03
C ASN A 178 -10.37 14.12 -3.31
N VAL A 179 -10.63 13.16 -2.43
CA VAL A 179 -9.55 12.59 -1.65
C VAL A 179 -8.56 11.91 -2.59
N SER A 180 -7.27 12.07 -2.33
CA SER A 180 -6.26 11.48 -3.19
C SER A 180 -5.98 10.04 -2.83
N TYR A 181 -6.35 9.66 -1.61
CA TYR A 181 -5.89 8.39 -1.06
C TYR A 181 -6.72 7.19 -1.48
N ILE A 182 -7.54 7.34 -2.54
CA ILE A 182 -8.25 6.18 -3.06
C ILE A 182 -7.32 5.35 -3.94
N CYS A 183 -7.85 4.21 -4.39
CA CYS A 183 -7.18 3.34 -5.36
C CYS A 183 -6.09 2.52 -4.68
N SER A 184 -5.85 1.31 -5.19
CA SER A 184 -5.07 0.31 -4.50
C SER A 184 -3.66 0.19 -5.03
N ARG A 185 -2.75 -0.23 -4.14
CA ARG A 185 -1.34 -0.54 -4.46
C ARG A 185 -1.15 -1.18 -5.82
N TYR A 186 -0.20 -0.67 -6.61
CA TYR A 186 0.16 -1.10 -8.00
C TYR A 186 -0.63 -0.39 -9.09
N TYR A 187 -1.86 0.03 -8.77
CA TYR A 187 -2.81 0.54 -9.74
C TYR A 187 -3.03 2.02 -9.62
N ARG A 188 -2.30 2.63 -8.70
CA ARG A 188 -2.45 4.03 -8.41
C ARG A 188 -1.79 4.81 -9.53
N ALA A 189 -2.50 5.80 -10.05
CA ALA A 189 -1.93 6.69 -11.05
C ALA A 189 -0.90 7.59 -10.36
N PRO A 190 0.14 8.02 -11.08
CA PRO A 190 1.19 8.83 -10.45
C PRO A 190 0.68 10.13 -9.81
N GLU A 191 -0.39 10.73 -10.35
CA GLU A 191 -0.94 11.94 -9.73
C GLU A 191 -1.56 11.63 -8.35
N LEU A 192 -2.09 10.42 -8.19
CA LEU A 192 -2.59 9.98 -6.89
C LEU A 192 -1.41 9.79 -5.93
N ILE A 193 -0.35 9.17 -6.42
CA ILE A 193 0.84 8.95 -5.63
C ILE A 193 1.40 10.28 -5.13
N PHE A 194 1.33 11.31 -5.99
CA PHE A 194 1.74 12.67 -5.61
C PHE A 194 0.67 13.41 -4.79
N GLY A 195 -0.39 12.71 -4.40
CA GLY A 195 -1.44 13.29 -3.57
C GLY A 195 -2.33 14.39 -4.15
N ALA A 196 -2.46 14.42 -5.47
CA ALA A 196 -3.35 15.37 -6.15
C ALA A 196 -4.82 15.18 -5.75
N THR A 197 -5.54 16.29 -5.61
CA THR A 197 -6.95 16.26 -5.22
C THR A 197 -7.86 16.71 -6.39
N ASP A 198 -7.24 17.08 -7.52
CA ASP A 198 -7.97 17.60 -8.68
C ASP A 198 -7.85 16.66 -9.88
N TYR A 199 -7.70 15.37 -9.58
CA TYR A 199 -7.51 14.37 -10.62
C TYR A 199 -8.80 14.15 -11.44
N THR A 200 -8.69 13.45 -12.56
CA THR A 200 -9.87 13.16 -13.35
C THR A 200 -10.13 11.66 -13.41
N SER A 201 -11.10 11.30 -14.24
CA SER A 201 -11.46 9.90 -14.46
C SER A 201 -10.37 9.11 -15.15
N SER A 202 -9.39 9.82 -15.71
CA SER A 202 -8.28 9.16 -16.36
C SER A 202 -7.42 8.33 -15.36
N ILE A 203 -7.63 8.48 -14.05
CA ILE A 203 -6.96 7.57 -13.11
C ILE A 203 -7.50 6.14 -13.28
N ASP A 204 -8.77 6.02 -13.64
CA ASP A 204 -9.36 4.71 -13.94
C ASP A 204 -8.62 4.07 -15.11
N VAL A 205 -8.20 4.90 -16.06
CA VAL A 205 -7.52 4.42 -17.26
C VAL A 205 -6.09 3.93 -16.95
N TRP A 206 -5.35 4.68 -16.14
CA TRP A 206 -4.04 4.23 -15.66
C TRP A 206 -4.14 2.86 -15.00
N SER A 207 -5.11 2.71 -14.10
CA SER A 207 -5.29 1.45 -13.41
C SER A 207 -5.56 0.32 -14.37
N ALA A 208 -6.42 0.59 -15.34
CA ALA A 208 -6.71 -0.40 -16.38
C ALA A 208 -5.43 -0.76 -17.14
N GLY A 209 -4.62 0.25 -17.44
CA GLY A 209 -3.33 0.01 -18.07
C GLY A 209 -2.43 -0.91 -17.24
N CYS A 210 -2.40 -0.69 -15.92
CA CYS A 210 -1.66 -1.55 -15.00
C CYS A 210 -2.24 -2.96 -15.02
N VAL A 211 -3.56 -3.07 -15.15
CA VAL A 211 -4.17 -4.41 -15.28
C VAL A 211 -3.76 -5.10 -16.59
N LEU A 212 -3.78 -4.35 -17.68
CA LEU A 212 -3.36 -4.91 -18.96
C LEU A 212 -1.92 -5.43 -18.85
N ALA A 213 -1.00 -4.55 -18.43
CA ALA A 213 0.40 -4.92 -18.28
C ALA A 213 0.59 -6.19 -17.42
N GLU A 214 -0.09 -6.23 -16.29
CA GLU A 214 -0.02 -7.39 -15.40
C GLU A 214 -0.46 -8.68 -16.08
N LEU A 215 -1.52 -8.59 -16.88
CA LEU A 215 -2.00 -9.76 -17.64
C LEU A 215 -0.97 -10.25 -18.66
N LEU A 216 -0.26 -9.34 -19.31
CA LEU A 216 0.84 -9.71 -20.21
C LEU A 216 2.08 -10.18 -19.45
N LEU A 217 2.45 -9.48 -18.39
CA LEU A 217 3.68 -9.82 -17.64
C LEU A 217 3.51 -11.04 -16.76
N GLY A 218 2.32 -11.27 -16.23
CA GLY A 218 2.12 -12.37 -15.31
C GLY A 218 2.43 -11.95 -13.88
N GLN A 219 2.69 -10.66 -13.70
CA GLN A 219 2.96 -10.08 -12.39
C GLN A 219 2.75 -8.58 -12.51
N PRO A 220 2.55 -7.87 -11.38
CA PRO A 220 2.28 -6.42 -11.46
C PRO A 220 3.38 -5.64 -12.19
N ILE A 221 3.04 -4.64 -13.00
CA ILE A 221 4.11 -3.91 -13.68
C ILE A 221 4.76 -2.87 -12.77
N PHE A 222 4.02 -2.33 -11.81
CA PHE A 222 4.58 -1.32 -10.90
C PHE A 222 4.50 -1.71 -9.42
N PRO A 223 5.22 -2.76 -9.02
CA PRO A 223 5.13 -3.20 -7.62
C PRO A 223 5.77 -2.22 -6.63
N GLY A 224 5.51 -2.45 -5.33
CA GLY A 224 6.04 -1.64 -4.26
C GLY A 224 5.08 -1.43 -3.09
N ASP A 225 5.60 -1.49 -1.87
CA ASP A 225 4.77 -1.37 -0.68
C ASP A 225 4.66 0.08 -0.22
N SER A 226 5.41 0.96 -0.90
CA SER A 226 5.29 2.39 -0.70
C SER A 226 5.19 3.15 -2.03
N GLY A 227 4.71 4.38 -1.95
CA GLY A 227 4.63 5.25 -3.11
C GLY A 227 5.97 5.45 -3.79
N VAL A 228 7.01 5.67 -2.98
CA VAL A 228 8.34 5.95 -3.51
C VAL A 228 8.88 4.72 -4.29
N ASP A 229 8.59 3.49 -3.84
CA ASP A 229 8.99 2.31 -4.63
C ASP A 229 8.19 2.15 -5.93
N GLN A 230 6.88 2.36 -5.87
CA GLN A 230 6.05 2.33 -7.06
C GLN A 230 6.52 3.37 -8.07
N LEU A 231 6.77 4.57 -7.57
CA LEU A 231 7.20 5.68 -8.40
C LEU A 231 8.52 5.35 -9.09
N VAL A 232 9.42 4.65 -8.40
CA VAL A 232 10.70 4.23 -8.95
C VAL A 232 10.47 3.24 -10.09
N GLU A 233 9.55 2.30 -9.86
CA GLU A 233 9.22 1.30 -10.87
C GLU A 233 8.58 1.95 -12.11
N ILE A 234 7.79 2.99 -11.90
CA ILE A 234 7.15 3.72 -12.99
C ILE A 234 8.19 4.49 -13.77
N ILE A 235 9.08 5.16 -13.03
CA ILE A 235 10.17 5.92 -13.65
C ILE A 235 11.13 5.00 -14.41
N LYS A 236 11.27 3.75 -13.97
CA LYS A 236 12.14 2.81 -14.67
C LYS A 236 11.60 2.45 -16.07
N VAL A 237 10.28 2.55 -16.24
CA VAL A 237 9.63 2.24 -17.50
C VAL A 237 9.35 3.49 -18.32
N LEU A 238 8.72 4.49 -17.69
CA LEU A 238 8.27 5.72 -18.37
C LEU A 238 9.33 6.81 -18.47
N GLY A 239 10.43 6.68 -17.75
CA GLY A 239 11.40 7.76 -17.65
C GLY A 239 11.00 8.76 -16.57
N THR A 240 11.86 9.74 -16.31
CA THR A 240 11.58 10.74 -15.29
C THR A 240 10.55 11.72 -15.82
N PRO A 241 9.48 11.94 -15.04
CA PRO A 241 8.51 12.93 -15.48
C PRO A 241 9.18 14.29 -15.58
N THR A 242 8.94 15.00 -16.67
CA THR A 242 9.51 16.31 -16.88
C THR A 242 8.96 17.27 -15.83
N ARG A 243 9.54 18.47 -15.76
CA ARG A 243 9.02 19.50 -14.87
C ARG A 243 7.57 19.76 -15.22
N GLU A 244 7.28 19.81 -16.53
CA GLU A 244 5.91 20.03 -17.01
C GLU A 244 5.02 18.82 -16.72
N GLN A 245 5.51 17.62 -17.02
CA GLN A 245 4.76 16.40 -16.74
C GLN A 245 4.44 16.32 -15.26
N ILE A 246 5.40 16.71 -14.44
CA ILE A 246 5.19 16.74 -13.02
C ILE A 246 4.07 17.74 -12.75
N ARG A 247 4.20 18.97 -13.26
CA ARG A 247 3.17 20.00 -13.06
C ARG A 247 1.74 19.54 -13.39
N GLU A 248 1.59 18.72 -14.43
CA GLU A 248 0.29 18.21 -14.86
C GLU A 248 -0.28 17.15 -13.91
N MET A 249 0.36 16.96 -12.77
CA MET A 249 -0.10 16.05 -11.73
C MET A 249 0.25 16.64 -10.36
N ASN A 250 1.34 17.41 -10.32
CA ASN A 250 1.95 17.92 -9.10
C ASN A 250 1.28 19.05 -8.34
N PRO A 251 1.01 18.81 -7.05
CA PRO A 251 0.86 19.89 -6.07
C PRO A 251 2.19 20.61 -5.84
N ASN A 252 2.78 21.12 -6.93
CA ASN A 252 4.21 21.41 -6.97
C ASN A 252 5.05 20.32 -6.26
N TYR A 253 5.29 19.22 -6.98
CA TYR A 253 6.35 18.28 -6.62
C TYR A 253 7.49 18.54 -7.60
N THR A 254 7.48 19.74 -8.14
CA THR A 254 8.62 20.29 -8.87
C THR A 254 9.65 20.62 -7.78
N GLU A 255 10.89 20.86 -8.18
CA GLU A 255 12.00 21.18 -7.26
C GLU A 255 12.49 19.95 -6.46
N PHE A 256 11.68 18.91 -6.37
CA PHE A 256 12.06 17.67 -5.66
C PHE A 256 13.08 16.89 -6.47
N LYS A 257 13.71 15.93 -5.80
CA LYS A 257 14.77 15.14 -6.43
C LYS A 257 14.19 13.82 -6.95
N PHE A 258 14.10 13.70 -8.26
CA PHE A 258 13.66 12.44 -8.84
C PHE A 258 14.82 11.72 -9.51
N PRO A 259 14.88 10.39 -9.31
CA PRO A 259 15.91 9.60 -9.99
C PRO A 259 15.81 9.81 -11.50
N GLN A 260 16.94 10.23 -12.10
CA GLN A 260 16.94 10.53 -13.51
C GLN A 260 17.19 9.26 -14.29
N ILE A 261 16.25 8.93 -15.17
CA ILE A 261 16.31 7.71 -15.97
C ILE A 261 15.62 8.01 -17.29
N LYS A 262 16.23 7.59 -18.39
CA LYS A 262 15.65 7.80 -19.70
C LYS A 262 14.60 6.73 -19.96
N ALA A 263 13.60 7.06 -20.77
CA ALA A 263 12.48 6.16 -21.01
C ALA A 263 12.93 4.82 -21.61
N HIS A 264 12.85 3.77 -20.80
CA HIS A 264 13.14 2.42 -21.27
C HIS A 264 12.18 2.02 -22.40
N PRO A 265 12.71 1.39 -23.47
CA PRO A 265 11.88 0.96 -24.60
C PRO A 265 10.79 0.00 -24.14
N TRP A 266 9.54 0.32 -24.48
CA TRP A 266 8.39 -0.45 -24.01
C TRP A 266 8.42 -1.90 -24.51
N THR A 267 9.06 -2.11 -25.66
CA THR A 267 9.13 -3.46 -26.23
C THR A 267 9.99 -4.36 -25.35
N LYS A 268 10.94 -3.76 -24.64
CA LYS A 268 11.85 -4.49 -23.75
C LYS A 268 11.22 -4.90 -22.42
N VAL A 269 10.06 -4.36 -22.11
CA VAL A 269 9.33 -4.63 -20.86
C VAL A 269 8.63 -6.00 -20.81
N PHE A 270 8.14 -6.48 -21.96
CA PHE A 270 7.34 -7.71 -22.02
C PHE A 270 8.08 -8.91 -22.63
N ARG A 271 7.53 -10.11 -22.53
CA ARG A 271 8.05 -11.27 -23.27
C ARG A 271 8.21 -10.92 -24.75
N PRO A 272 9.14 -11.57 -25.45
CA PRO A 272 9.26 -11.37 -26.89
C PRO A 272 8.04 -11.88 -27.67
N ARG A 273 7.32 -12.83 -27.11
CA ARG A 273 6.10 -13.35 -27.74
C ARG A 273 4.93 -12.32 -27.77
N THR A 274 5.02 -11.29 -26.93
CA THR A 274 3.97 -10.30 -26.72
C THR A 274 3.63 -9.50 -27.97
N PRO A 275 2.35 -9.50 -28.39
CA PRO A 275 1.95 -8.76 -29.60
C PRO A 275 2.21 -7.26 -29.45
N PRO A 276 2.76 -6.64 -30.50
CA PRO A 276 3.10 -5.22 -30.53
C PRO A 276 1.89 -4.33 -30.28
N GLU A 277 0.71 -4.77 -30.70
CA GLU A 277 -0.52 -4.00 -30.49
C GLU A 277 -0.84 -3.92 -28.98
N ALA A 278 -0.49 -4.98 -28.24
CA ALA A 278 -0.66 -5.00 -26.79
C ALA A 278 0.23 -3.95 -26.15
N ILE A 279 1.50 -3.94 -26.54
CA ILE A 279 2.48 -3.00 -26.01
C ILE A 279 2.11 -1.55 -26.34
N ALA A 280 1.72 -1.30 -27.59
CA ALA A 280 1.27 0.03 -28.06
C ALA A 280 0.07 0.53 -27.27
N LEU A 281 -0.85 -0.36 -26.95
CA LEU A 281 -1.99 0.03 -26.13
C LEU A 281 -1.53 0.44 -24.71
N CYS A 282 -0.59 -0.30 -24.14
CA CYS A 282 -0.07 0.02 -22.81
C CYS A 282 0.52 1.40 -22.74
N SER A 283 1.34 1.72 -23.74
CA SER A 283 2.04 2.99 -23.74
C SER A 283 1.10 4.16 -23.96
N ARG A 284 -0.14 3.87 -24.38
CA ARG A 284 -1.11 4.93 -24.56
C ARG A 284 -2.03 5.04 -23.33
N LEU A 285 -2.01 4.01 -22.50
CA LEU A 285 -2.69 4.05 -21.22
C LEU A 285 -1.84 4.61 -20.09
N LEU A 286 -0.59 4.13 -19.99
CA LEU A 286 0.29 4.49 -18.87
C LEU A 286 1.13 5.72 -19.20
N GLU A 287 0.50 6.87 -19.22
CA GLU A 287 1.16 8.11 -19.55
C GLU A 287 1.16 8.99 -18.32
N TYR A 288 2.23 9.76 -18.16
CA TYR A 288 2.32 10.68 -17.03
C TYR A 288 1.20 11.71 -17.10
N THR A 289 1.12 12.40 -18.23
CA THR A 289 0.13 13.43 -18.42
C THR A 289 -1.26 12.80 -18.54
N PRO A 290 -2.13 13.07 -17.56
CA PRO A 290 -3.44 12.41 -17.50
C PRO A 290 -4.27 12.63 -18.77
N THR A 291 -4.17 13.82 -19.38
CA THR A 291 -4.96 14.08 -20.58
C THR A 291 -4.41 13.37 -21.82
N ALA A 292 -3.16 12.91 -21.75
CA ALA A 292 -2.54 12.17 -22.86
C ALA A 292 -2.95 10.70 -22.92
N ARG A 293 -3.53 10.19 -21.84
CA ARG A 293 -3.97 8.81 -21.80
C ARG A 293 -5.20 8.64 -22.66
N LEU A 294 -5.33 7.48 -23.31
CA LEU A 294 -6.53 7.16 -24.06
C LEU A 294 -7.76 7.24 -23.15
N THR A 295 -8.88 7.71 -23.72
CA THR A 295 -10.16 7.58 -23.05
C THR A 295 -10.55 6.13 -23.20
N PRO A 296 -11.41 5.63 -22.31
CA PRO A 296 -11.84 4.23 -22.40
C PRO A 296 -12.40 3.85 -23.79
N LEU A 297 -13.21 4.71 -24.38
CA LEU A 297 -13.81 4.42 -25.66
C LEU A 297 -12.74 4.31 -26.73
N GLU A 298 -11.82 5.27 -26.77
CA GLU A 298 -10.73 5.24 -27.75
C GLU A 298 -9.92 3.94 -27.64
N ALA A 299 -9.79 3.43 -26.40
CA ALA A 299 -9.07 2.19 -26.13
C ALA A 299 -9.83 0.98 -26.66
N CYS A 300 -11.15 0.99 -26.54
CA CYS A 300 -12.00 -0.03 -27.15
C CYS A 300 -11.78 -0.09 -28.65
N ALA A 301 -11.50 1.08 -29.23
CA ALA A 301 -11.32 1.19 -30.67
C ALA A 301 -9.89 0.92 -31.09
N HIS A 302 -9.02 0.61 -30.13
CA HIS A 302 -7.61 0.37 -30.42
C HIS A 302 -7.43 -0.90 -31.26
N SER A 303 -6.42 -0.91 -32.12
CA SER A 303 -6.18 -2.04 -33.05
C SER A 303 -5.87 -3.38 -32.33
N PHE A 304 -5.38 -3.29 -31.09
CA PHE A 304 -5.17 -4.46 -30.23
C PHE A 304 -6.42 -5.35 -30.14
N PHE A 305 -7.60 -4.73 -30.20
CA PHE A 305 -8.88 -5.44 -30.08
C PHE A 305 -9.52 -5.84 -31.43
N ASP A 306 -8.78 -5.71 -32.54
CA ASP A 306 -9.37 -6.00 -33.86
C ASP A 306 -9.86 -7.44 -33.98
N GLU A 307 -9.08 -8.39 -33.47
CA GLU A 307 -9.48 -9.80 -33.45
C GLU A 307 -10.89 -10.00 -32.89
N LEU A 308 -11.29 -9.15 -31.94
CA LEU A 308 -12.60 -9.27 -31.32
C LEU A 308 -13.68 -8.87 -32.33
N ARG A 309 -13.26 -8.18 -33.38
CA ARG A 309 -14.18 -7.64 -34.37
C ARG A 309 -14.23 -8.48 -35.64
N ASP A 310 -13.45 -9.57 -35.65
CA ASP A 310 -13.52 -10.58 -36.69
C ASP A 310 -14.83 -11.34 -36.53
N PRO A 311 -15.57 -11.51 -37.64
CA PRO A 311 -16.83 -12.29 -37.64
C PRO A 311 -16.63 -13.78 -37.31
N ASN A 312 -15.43 -14.28 -37.55
CA ASN A 312 -15.17 -15.70 -37.31
C ASN A 312 -14.65 -16.05 -35.92
N VAL A 313 -14.46 -15.04 -35.07
CA VAL A 313 -13.85 -15.27 -33.75
C VAL A 313 -14.77 -16.05 -32.82
N LYS A 314 -14.19 -16.99 -32.10
CA LYS A 314 -14.91 -17.79 -31.13
C LYS A 314 -14.07 -17.92 -29.85
N LEU A 315 -14.69 -18.30 -28.74
CA LEU A 315 -13.96 -18.60 -27.51
C LEU A 315 -13.21 -19.93 -27.60
N PRO A 316 -12.08 -20.05 -26.88
CA PRO A 316 -11.38 -21.33 -26.81
C PRO A 316 -12.28 -22.51 -26.43
N ASN A 317 -13.31 -22.28 -25.62
CA ASN A 317 -14.21 -23.38 -25.24
C ASN A 317 -15.24 -23.68 -26.34
N GLY A 318 -15.07 -23.04 -27.49
CA GLY A 318 -15.87 -23.33 -28.66
C GLY A 318 -17.13 -22.49 -28.80
N ARG A 319 -17.57 -21.87 -27.71
CA ARG A 319 -18.77 -21.05 -27.68
C ARG A 319 -18.50 -19.72 -28.36
N ASP A 320 -19.54 -18.90 -28.53
CA ASP A 320 -19.31 -17.58 -29.12
C ASP A 320 -18.91 -16.54 -28.09
N THR A 321 -18.39 -15.45 -28.60
CA THR A 321 -18.03 -14.32 -27.79
C THR A 321 -19.31 -13.65 -27.32
N PRO A 322 -19.26 -13.05 -26.11
CA PRO A 322 -20.35 -12.26 -25.55
C PRO A 322 -20.65 -11.03 -26.42
N ALA A 323 -21.76 -10.37 -26.13
CA ALA A 323 -22.16 -9.21 -26.91
C ALA A 323 -21.18 -8.07 -26.70
N LEU A 324 -20.36 -7.80 -27.72
CA LEU A 324 -19.30 -6.83 -27.58
C LEU A 324 -19.61 -5.50 -28.25
N PHE A 325 -20.75 -5.44 -28.94
CA PHE A 325 -21.01 -4.37 -29.90
C PHE A 325 -22.32 -3.63 -29.66
N ASN A 326 -23.12 -4.12 -28.73
CA ASN A 326 -24.37 -3.47 -28.41
C ASN A 326 -24.17 -2.12 -27.70
N PHE A 327 -23.35 -1.24 -28.28
CA PHE A 327 -23.21 0.12 -27.76
C PHE A 327 -24.51 0.94 -27.77
N THR A 328 -24.73 1.74 -26.72
CA THR A 328 -25.83 2.72 -26.69
C THR A 328 -25.34 4.14 -27.00
N THR A 329 -26.28 5.05 -27.25
CA THR A 329 -25.93 6.44 -27.48
C THR A 329 -25.13 7.01 -26.30
N GLN A 330 -25.52 6.59 -25.11
CA GLN A 330 -24.88 6.98 -23.87
C GLN A 330 -23.39 6.62 -23.84
N GLU A 331 -23.12 5.35 -24.13
CA GLU A 331 -21.76 4.82 -24.17
C GLU A 331 -20.83 5.55 -25.16
N LEU A 332 -21.40 6.00 -26.28
CA LEU A 332 -20.62 6.57 -27.39
C LEU A 332 -20.48 8.08 -27.30
N SER A 333 -21.14 8.68 -26.32
CA SER A 333 -21.28 10.14 -26.27
C SER A 333 -19.96 10.91 -26.23
N SER A 334 -18.93 10.35 -25.63
CA SER A 334 -17.64 11.05 -25.57
C SER A 334 -16.97 11.15 -26.95
N ASN A 335 -17.36 10.26 -27.87
CA ASN A 335 -16.84 10.30 -29.26
C ASN A 335 -17.70 9.51 -30.28
N PRO A 336 -18.90 10.01 -30.58
CA PRO A 336 -19.83 9.31 -31.49
C PRO A 336 -19.24 8.74 -32.82
N PRO A 337 -18.33 9.47 -33.51
CA PRO A 337 -17.79 8.87 -34.75
C PRO A 337 -17.00 7.58 -34.59
N LEU A 338 -16.61 7.22 -33.37
CA LEU A 338 -15.86 5.98 -33.17
C LEU A 338 -16.74 4.76 -33.45
N ALA A 339 -18.03 5.00 -33.66
CA ALA A 339 -18.99 3.92 -33.85
C ALA A 339 -18.66 3.14 -35.14
N THR A 340 -18.17 3.88 -36.14
CA THR A 340 -17.60 3.34 -37.39
C THR A 340 -16.63 2.17 -37.17
N ILE A 341 -15.82 2.27 -36.11
CA ILE A 341 -14.89 1.22 -35.74
C ILE A 341 -15.50 0.24 -34.74
N LEU A 342 -16.14 0.78 -33.70
CA LEU A 342 -16.63 -0.06 -32.62
C LEU A 342 -17.70 -1.06 -33.07
N ILE A 343 -18.56 -0.68 -34.00
CA ILE A 343 -19.59 -1.62 -34.45
C ILE A 343 -19.22 -2.20 -35.83
N PRO A 344 -18.71 -3.44 -35.87
CA PRO A 344 -18.28 -4.05 -37.13
C PRO A 344 -19.51 -4.43 -37.98
N PRO A 345 -19.35 -4.56 -39.31
CA PRO A 345 -20.48 -4.76 -40.25
C PRO A 345 -21.52 -5.81 -39.82
N HIS A 346 -21.07 -6.89 -39.19
CA HIS A 346 -21.94 -7.85 -38.50
C HIS A 346 -22.17 -7.46 -37.02
N VAL B 2 36.44 -14.99 -4.62
CA VAL B 2 36.88 -13.95 -3.69
C VAL B 2 37.04 -12.61 -4.41
N THR B 3 36.32 -11.61 -3.89
CA THR B 3 36.38 -10.24 -4.35
C THR B 3 37.22 -9.38 -3.42
N THR B 4 38.18 -8.64 -3.96
CA THR B 4 39.01 -7.76 -3.12
C THR B 4 38.79 -6.30 -3.54
N VAL B 5 38.41 -5.44 -2.59
CA VAL B 5 38.18 -4.02 -2.91
C VAL B 5 38.89 -3.09 -1.96
N VAL B 6 38.99 -1.82 -2.36
CA VAL B 6 39.48 -0.77 -1.47
C VAL B 6 38.32 0.11 -1.01
N ALA B 7 37.86 -0.14 0.22
CA ALA B 7 36.66 0.50 0.76
C ALA B 7 36.99 1.51 1.84
N THR B 8 36.19 2.57 1.90
CA THR B 8 36.33 3.57 2.95
C THR B 8 35.58 3.15 4.23
N PRO B 9 36.25 3.25 5.37
CA PRO B 9 35.52 2.92 6.61
C PRO B 9 34.32 3.84 6.82
N GLY B 10 33.25 3.28 7.38
CA GLY B 10 32.03 4.02 7.61
C GLY B 10 32.14 5.16 8.61
N GLN B 11 32.94 4.98 9.66
CA GLN B 11 32.92 5.92 10.79
C GLN B 11 34.06 6.94 10.88
N GLY B 12 35.30 6.50 10.75
CA GLY B 12 36.42 7.40 10.96
C GLY B 12 36.84 8.25 9.78
N PRO B 13 38.11 8.68 9.76
CA PRO B 13 38.69 9.51 8.70
C PRO B 13 38.82 8.72 7.41
N ASP B 14 38.81 9.39 6.26
CA ASP B 14 38.85 8.70 4.98
C ASP B 14 40.21 8.03 4.84
N ARG B 15 40.34 6.91 5.54
CA ARG B 15 41.53 6.10 5.53
C ARG B 15 41.08 4.78 4.94
N PRO B 16 41.17 4.67 3.61
CA PRO B 16 40.62 3.54 2.85
C PRO B 16 41.35 2.26 3.21
N GLN B 17 40.74 1.13 2.91
CA GLN B 17 41.35 -0.13 3.30
C GLN B 17 40.98 -1.30 2.37
N GLU B 18 41.92 -2.22 2.18
CA GLU B 18 41.66 -3.40 1.36
C GLU B 18 40.75 -4.38 2.10
N VAL B 19 39.58 -4.62 1.53
CA VAL B 19 38.61 -5.54 2.10
C VAL B 19 38.34 -6.68 1.14
N SER B 20 38.38 -7.90 1.66
CA SER B 20 38.20 -9.09 0.82
C SER B 20 37.00 -9.90 1.27
N TYR B 21 36.15 -10.31 0.34
CA TYR B 21 35.02 -11.13 0.73
C TYR B 21 34.67 -12.21 -0.28
N THR B 22 33.92 -13.20 0.18
CA THR B 22 33.55 -14.35 -0.62
C THR B 22 32.15 -14.81 -0.23
N ASP B 23 31.72 -15.95 -0.80
CA ASP B 23 30.45 -16.59 -0.43
C ASP B 23 29.26 -15.64 -0.60
N THR B 24 29.26 -14.90 -1.70
CA THR B 24 28.23 -13.91 -1.98
C THR B 24 26.91 -14.56 -2.40
N LYS B 25 25.82 -14.16 -1.75
CA LYS B 25 24.47 -14.58 -2.14
C LYS B 25 23.49 -13.40 -1.99
N VAL B 26 22.45 -13.38 -2.84
CA VAL B 26 21.43 -12.34 -2.78
C VAL B 26 20.49 -12.67 -1.62
N ILE B 27 20.09 -11.65 -0.85
CA ILE B 27 19.17 -11.88 0.27
C ILE B 27 18.03 -10.89 0.26
N GLY B 28 17.94 -10.11 -0.82
CA GLY B 28 16.92 -9.10 -0.93
C GLY B 28 17.00 -8.31 -2.21
N ASN B 29 15.84 -8.11 -2.84
CA ASN B 29 15.74 -7.25 -4.00
C ASN B 29 14.79 -6.12 -3.66
N GLY B 30 14.82 -5.06 -4.43
CA GLY B 30 13.92 -3.95 -4.20
C GLY B 30 14.07 -2.89 -5.25
N SER B 31 13.26 -1.85 -5.17
CA SER B 31 13.35 -0.73 -6.10
C SER B 31 14.70 -0.01 -6.00
N PHE B 32 15.32 -0.10 -4.82
CA PHE B 32 16.60 0.55 -4.56
C PHE B 32 17.77 -0.14 -5.29
N GLY B 33 17.64 -1.45 -5.47
CA GLY B 33 18.70 -2.28 -6.00
C GLY B 33 18.72 -3.64 -5.30
N VAL B 34 19.91 -4.06 -4.91
CA VAL B 34 20.08 -5.42 -4.40
C VAL B 34 20.79 -5.41 -3.06
N VAL B 35 20.39 -6.31 -2.16
CA VAL B 35 21.15 -6.52 -0.94
C VAL B 35 21.80 -7.92 -0.96
N TYR B 36 23.13 -7.94 -0.94
CA TYR B 36 23.88 -9.19 -0.91
C TYR B 36 24.32 -9.54 0.52
N GLN B 37 24.55 -10.83 0.75
CA GLN B 37 25.26 -11.24 1.95
C GLN B 37 26.62 -11.71 1.47
N ALA B 38 27.64 -11.52 2.29
CA ALA B 38 28.97 -11.96 1.93
C ALA B 38 29.76 -12.23 3.18
N LYS B 39 30.85 -12.96 3.03
CA LYS B 39 31.70 -13.32 4.14
C LYS B 39 33.06 -12.66 3.98
N LEU B 40 33.42 -11.83 4.95
CA LEU B 40 34.75 -11.21 4.98
C LEU B 40 35.81 -12.26 5.21
N CYS B 41 36.89 -12.21 4.44
CA CYS B 41 37.96 -13.18 4.57
C CYS B 41 38.82 -13.02 5.84
N ASP B 42 39.07 -11.77 6.23
CA ASP B 42 39.91 -11.48 7.39
C ASP B 42 39.34 -12.07 8.67
N SER B 43 38.06 -11.78 8.93
CA SER B 43 37.44 -12.10 10.21
C SER B 43 36.41 -13.23 10.13
N GLY B 44 35.98 -13.56 8.92
CA GLY B 44 34.94 -14.56 8.75
C GLY B 44 33.58 -13.99 9.05
N GLU B 45 33.54 -12.72 9.44
CA GLU B 45 32.30 -12.04 9.81
C GLU B 45 31.38 -11.89 8.60
N LEU B 46 30.07 -11.95 8.84
CA LEU B 46 29.09 -11.81 7.78
C LEU B 46 28.70 -10.36 7.57
N VAL B 47 28.53 -9.97 6.31
CA VAL B 47 28.12 -8.60 6.02
C VAL B 47 26.97 -8.59 5.04
N ALA B 48 26.17 -7.53 5.08
CA ALA B 48 25.20 -7.27 4.02
C ALA B 48 25.75 -6.16 3.14
N ILE B 49 25.83 -6.41 1.85
CA ILE B 49 26.26 -5.36 0.94
C ILE B 49 25.06 -4.82 0.19
N LYS B 50 24.71 -3.58 0.46
CA LYS B 50 23.59 -2.94 -0.24
C LYS B 50 24.12 -2.20 -1.46
N LYS B 51 23.72 -2.66 -2.63
CA LYS B 51 24.25 -2.09 -3.87
C LYS B 51 23.14 -1.30 -4.56
N VAL B 52 23.37 0.00 -4.72
CA VAL B 52 22.42 0.93 -5.32
C VAL B 52 23.10 1.78 -6.38
N LEU B 53 22.44 1.97 -7.52
CA LEU B 53 22.92 2.88 -8.55
C LEU B 53 22.94 4.26 -7.94
N GLN B 54 24.03 4.99 -8.05
CA GLN B 54 23.97 6.35 -7.55
C GLN B 54 24.17 7.36 -8.66
N ASP B 55 23.13 8.18 -8.86
CA ASP B 55 23.06 9.14 -9.95
C ASP B 55 24.17 10.16 -9.89
N LYS B 56 24.98 10.22 -10.93
CA LYS B 56 26.11 11.14 -11.04
C LYS B 56 25.83 12.59 -10.59
N ARG B 57 24.55 12.98 -10.51
CA ARG B 57 24.18 14.33 -10.09
C ARG B 57 24.68 14.73 -8.69
N PHE B 58 24.08 14.19 -7.63
CA PHE B 58 24.42 14.61 -6.27
C PHE B 58 25.02 13.49 -5.41
N LYS B 59 25.41 13.84 -4.19
CA LYS B 59 25.93 12.84 -3.25
C LYS B 59 24.77 12.05 -2.67
N ASN B 60 24.95 10.74 -2.49
CA ASN B 60 23.87 9.87 -2.01
C ASN B 60 23.42 10.20 -0.58
N ARG B 61 22.14 10.53 -0.43
CA ARG B 61 21.59 10.91 0.85
C ARG B 61 21.71 9.80 1.89
N GLU B 62 21.46 8.56 1.49
CA GLU B 62 21.53 7.48 2.45
C GLU B 62 22.96 7.34 3.02
N LEU B 63 23.97 7.52 2.18
CA LEU B 63 25.35 7.38 2.63
C LEU B 63 25.72 8.49 3.60
N GLN B 64 25.35 9.72 3.25
CA GLN B 64 25.66 10.88 4.09
C GLN B 64 25.01 10.70 5.47
N ILE B 65 23.80 10.16 5.51
CA ILE B 65 23.11 9.91 6.77
C ILE B 65 23.74 8.76 7.57
N MET B 66 24.02 7.65 6.90
CA MET B 66 24.61 6.49 7.59
C MET B 66 26.03 6.73 8.11
N ARG B 67 26.77 7.65 7.47
CA ARG B 67 28.11 8.00 7.94
C ARG B 67 28.05 8.77 9.25
N LYS B 68 26.91 9.40 9.55
CA LYS B 68 26.81 10.21 10.76
C LYS B 68 26.10 9.51 11.90
N LEU B 69 25.60 8.30 11.66
CA LEU B 69 24.92 7.56 12.71
C LEU B 69 25.84 6.53 13.33
N ASP B 70 25.94 6.55 14.66
CA ASP B 70 26.71 5.58 15.42
C ASP B 70 25.95 5.22 16.68
N HIS B 71 25.34 4.05 16.70
CA HIS B 71 24.43 3.69 17.77
C HIS B 71 24.19 2.18 17.80
N CYS B 72 24.04 1.65 19.00
CA CYS B 72 23.89 0.22 19.28
CA CYS B 72 23.99 0.20 19.12
C CYS B 72 22.65 -0.37 18.62
N ASN B 73 21.64 0.46 18.47
CA ASN B 73 20.38 0.00 17.89
C ASN B 73 20.19 0.45 16.45
N ILE B 74 21.28 0.74 15.76
CA ILE B 74 21.22 1.10 14.33
C ILE B 74 22.23 0.27 13.53
N VAL B 75 21.80 -0.23 12.37
CA VAL B 75 22.63 -1.13 11.56
C VAL B 75 23.95 -0.42 11.29
N ARG B 76 25.05 -1.15 11.43
CA ARG B 76 26.37 -0.53 11.39
C ARG B 76 26.95 -0.53 9.98
N LEU B 77 27.28 0.65 9.49
CA LEU B 77 27.99 0.81 8.23
C LEU B 77 29.49 0.54 8.48
N ARG B 78 29.92 -0.68 8.17
CA ARG B 78 31.33 -1.07 8.30
C ARG B 78 32.17 -0.39 7.22
N TYR B 79 31.75 -0.50 5.95
CA TYR B 79 32.49 0.14 4.86
C TYR B 79 31.56 0.64 3.76
N PHE B 80 32.12 1.39 2.83
CA PHE B 80 31.45 1.64 1.57
C PHE B 80 32.50 1.82 0.48
N PHE B 81 32.12 1.50 -0.75
CA PHE B 81 32.98 1.63 -1.91
C PHE B 81 32.12 1.72 -3.16
N TYR B 82 32.74 2.08 -4.28
CA TYR B 82 32.03 2.15 -5.56
C TYR B 82 32.48 1.06 -6.55
N SER B 83 31.58 0.70 -7.47
CA SER B 83 31.86 -0.31 -8.48
C SER B 83 31.01 -0.12 -9.73
N SER B 84 31.33 -0.86 -10.79
CA SER B 84 30.60 -0.77 -12.06
C SER B 84 29.70 -1.97 -12.37
N GLY B 85 29.09 -2.55 -11.35
CA GLY B 85 28.34 -3.79 -11.50
C GLY B 85 26.95 -3.81 -12.13
N GLU B 86 26.86 -4.45 -13.30
CA GLU B 86 25.61 -4.63 -14.07
C GLU B 86 25.05 -3.36 -14.73
N LYS B 87 25.92 -2.62 -15.41
CA LYS B 87 25.50 -1.40 -16.09
C LYS B 87 26.46 -0.99 -17.20
N LYS B 88 27.72 -0.77 -16.82
CA LYS B 88 28.75 -0.23 -17.70
C LYS B 88 28.40 1.22 -18.06
N ASP B 89 29.31 2.12 -17.68
CA ASP B 89 29.15 3.58 -17.69
C ASP B 89 28.32 4.11 -16.50
N GLU B 90 27.39 3.32 -15.98
CA GLU B 90 26.70 3.68 -14.74
C GLU B 90 27.50 3.17 -13.53
N VAL B 91 27.54 3.96 -12.46
CA VAL B 91 28.35 3.65 -11.28
C VAL B 91 27.50 3.25 -10.06
N TYR B 92 27.97 2.25 -9.30
CA TYR B 92 27.22 1.77 -8.14
C TYR B 92 27.87 2.11 -6.81
N LEU B 93 27.03 2.36 -5.81
CA LEU B 93 27.47 2.57 -4.44
C LEU B 93 27.20 1.31 -3.62
N ASN B 94 28.20 0.86 -2.86
CA ASN B 94 28.04 -0.34 -2.04
C ASN B 94 28.17 -0.02 -0.56
N LEU B 95 27.13 -0.33 0.21
CA LEU B 95 27.17 -0.14 1.65
C LEU B 95 27.41 -1.48 2.29
N VAL B 96 28.55 -1.63 2.99
CA VAL B 96 28.84 -2.89 3.65
C VAL B 96 28.45 -2.76 5.13
N LEU B 97 27.39 -3.47 5.48
CA LEU B 97 26.79 -3.36 6.79
C LEU B 97 27.01 -4.65 7.53
N ASP B 98 27.17 -4.58 8.84
CA ASP B 98 27.24 -5.77 9.67
C ASP B 98 25.92 -6.53 9.55
N TYR B 99 26.01 -7.78 9.14
CA TYR B 99 24.83 -8.61 8.92
C TYR B 99 24.15 -8.99 10.24
N VAL B 100 22.83 -8.91 10.28
CA VAL B 100 22.05 -9.34 11.42
C VAL B 100 21.07 -10.42 10.92
N PRO B 101 20.98 -11.55 11.62
CA PRO B 101 20.33 -12.72 11.00
C PRO B 101 18.80 -12.64 10.89
N GLU B 102 18.12 -11.84 11.69
CA GLU B 102 16.67 -11.88 11.65
C GLU B 102 16.01 -10.52 11.54
N THR B 103 14.69 -10.53 11.39
CA THR B 103 13.90 -9.31 11.42
C THR B 103 12.66 -9.53 12.28
N VAL B 104 12.08 -8.43 12.71
CA VAL B 104 10.83 -8.47 13.46
C VAL B 104 9.74 -9.07 12.58
N TYR B 105 9.79 -8.76 11.27
CA TYR B 105 8.80 -9.30 10.35
C TYR B 105 8.84 -10.83 10.35
N ARG B 106 10.04 -11.40 10.15
CA ARG B 106 10.16 -12.85 10.08
C ARG B 106 9.80 -13.54 11.40
N VAL B 107 10.29 -13.00 12.51
CA VAL B 107 9.96 -13.58 13.81
C VAL B 107 8.46 -13.47 14.08
N ALA B 108 7.89 -12.31 13.83
CA ALA B 108 6.45 -12.11 14.01
C ALA B 108 5.64 -13.11 13.21
N ARG B 109 6.12 -13.44 12.01
CA ARG B 109 5.34 -14.31 11.17
C ARG B 109 5.48 -15.77 11.63
N HIS B 110 6.62 -16.13 12.21
CA HIS B 110 6.73 -17.47 12.81
C HIS B 110 5.69 -17.62 13.92
N TYR B 111 5.59 -16.60 14.78
CA TYR B 111 4.65 -16.72 15.89
C TYR B 111 3.22 -16.73 15.35
N SER B 112 3.00 -15.94 14.30
CA SER B 112 1.67 -15.75 13.75
C SER B 112 1.18 -16.99 13.01
N ARG B 113 2.05 -17.58 12.20
CA ARG B 113 1.74 -18.81 11.47
C ARG B 113 1.63 -19.99 12.41
N ALA B 114 2.09 -19.81 13.65
CA ALA B 114 2.01 -20.86 14.66
C ALA B 114 0.80 -20.66 15.55
N LYS B 115 0.01 -19.62 15.24
CA LYS B 115 -1.16 -19.21 16.03
C LYS B 115 -0.76 -18.84 17.48
N GLN B 116 0.45 -18.31 17.61
CA GLN B 116 0.94 -17.93 18.92
C GLN B 116 1.31 -16.43 18.92
N THR B 117 1.45 -15.83 20.10
CA THR B 117 1.90 -14.45 20.18
C THR B 117 3.31 -14.39 20.73
N LEU B 118 4.12 -13.48 20.21
CA LEU B 118 5.43 -13.19 20.77
C LEU B 118 5.27 -12.87 22.27
N PRO B 119 6.09 -13.48 23.14
CA PRO B 119 6.01 -13.21 24.58
C PRO B 119 6.22 -11.72 24.88
N VAL B 120 5.37 -11.15 25.72
CA VAL B 120 5.39 -9.71 26.03
C VAL B 120 6.78 -9.17 26.41
N ILE B 121 7.62 -10.00 27.03
CA ILE B 121 8.97 -9.59 27.39
C ILE B 121 9.83 -9.25 26.15
N TYR B 122 9.67 -10.00 25.06
CA TYR B 122 10.40 -9.67 23.83
C TYR B 122 9.83 -8.39 23.23
N VAL B 123 8.50 -8.27 23.29
CA VAL B 123 7.81 -7.09 22.78
C VAL B 123 8.34 -5.84 23.49
N LYS B 124 8.43 -5.89 24.83
CA LYS B 124 9.02 -4.81 25.62
C LYS B 124 10.42 -4.50 25.15
N LEU B 125 11.26 -5.53 25.09
CA LEU B 125 12.64 -5.37 24.63
C LEU B 125 12.77 -4.76 23.24
N TYR B 126 12.08 -5.36 22.25
CA TYR B 126 12.21 -4.91 20.87
C TYR B 126 11.70 -3.48 20.76
N MET B 127 10.48 -3.24 21.24
CA MET B 127 9.88 -1.90 21.13
C MET B 127 10.74 -0.82 21.75
N TYR B 128 11.30 -1.12 22.93
CA TYR B 128 12.14 -0.17 23.63
C TYR B 128 13.35 0.21 22.79
N GLN B 129 14.03 -0.78 22.23
CA GLN B 129 15.19 -0.54 21.37
C GLN B 129 14.82 0.22 20.09
N LEU B 130 13.61 -0.02 19.59
CA LEU B 130 13.14 0.75 18.45
C LEU B 130 13.02 2.21 18.88
N PHE B 131 12.38 2.46 20.04
CA PHE B 131 12.23 3.86 20.48
C PHE B 131 13.53 4.56 20.82
N ARG B 132 14.53 3.82 21.30
CA ARG B 132 15.86 4.40 21.49
C ARG B 132 16.46 4.85 20.18
N SER B 133 16.42 3.94 19.20
CA SER B 133 17.02 4.24 17.90
C SER B 133 16.33 5.46 17.30
N LEU B 134 14.99 5.53 17.44
CA LEU B 134 14.26 6.68 16.95
C LEU B 134 14.68 7.95 17.69
N ALA B 135 14.76 7.86 19.02
CA ALA B 135 15.18 9.01 19.83
C ALA B 135 16.52 9.53 19.34
N TYR B 136 17.40 8.58 19.00
CA TYR B 136 18.74 8.92 18.55
C TYR B 136 18.72 9.66 17.21
N ILE B 137 18.04 9.09 16.20
CA ILE B 137 18.03 9.75 14.90
C ILE B 137 17.22 11.06 14.89
N HIS B 138 16.14 11.12 15.66
CA HIS B 138 15.38 12.38 15.70
C HIS B 138 16.19 13.52 16.30
N SER B 139 17.11 13.20 17.22
CA SER B 139 17.91 14.22 17.87
C SER B 139 18.83 14.94 16.88
N PHE B 140 19.08 14.30 15.74
CA PHE B 140 19.78 14.92 14.63
C PHE B 140 18.79 15.53 13.63
N GLY B 141 17.49 15.37 13.86
CA GLY B 141 16.47 15.88 12.94
C GLY B 141 16.15 14.89 11.82
N ILE B 142 16.83 13.75 11.84
CA ILE B 142 16.63 12.71 10.83
C ILE B 142 15.38 11.90 11.11
N CYS B 143 14.53 11.79 10.09
CA CYS B 143 13.32 10.96 10.13
C CYS B 143 13.55 9.74 9.23
N HIS B 144 13.21 8.57 9.74
CA HIS B 144 13.43 7.37 8.99
C HIS B 144 12.47 7.30 7.79
N ARG B 145 11.20 7.59 8.05
CA ARG B 145 10.12 7.65 7.05
C ARG B 145 9.82 6.29 6.43
N ASP B 146 10.40 5.20 6.97
CA ASP B 146 9.98 3.87 6.53
C ASP B 146 10.03 2.81 7.64
N ILE B 147 9.52 3.15 8.82
CA ILE B 147 9.53 2.19 9.93
C ILE B 147 8.51 1.09 9.70
N LYS B 148 8.98 -0.15 9.64
CA LYS B 148 8.15 -1.32 9.43
C LYS B 148 8.95 -2.55 9.83
N PRO B 149 8.27 -3.63 10.22
CA PRO B 149 8.89 -4.85 10.73
C PRO B 149 10.04 -5.39 9.87
N GLN B 150 9.99 -5.25 8.55
CA GLN B 150 11.06 -5.78 7.71
C GLN B 150 12.30 -4.93 7.87
N ASN B 151 12.14 -3.73 8.43
CA ASN B 151 13.29 -2.87 8.69
C ASN B 151 13.75 -2.91 10.16
N LEU B 152 13.26 -3.89 10.91
CA LEU B 152 13.71 -4.05 12.29
C LEU B 152 14.48 -5.35 12.36
N LEU B 153 15.80 -5.25 12.36
CA LEU B 153 16.70 -6.38 12.43
C LEU B 153 16.83 -6.90 13.88
N LEU B 154 16.98 -8.21 14.02
CA LEU B 154 17.08 -8.85 15.32
C LEU B 154 18.21 -9.86 15.36
N ASP B 155 18.96 -9.87 16.45
CA ASP B 155 19.77 -11.02 16.75
C ASP B 155 18.97 -11.78 17.81
N PRO B 156 18.46 -12.96 17.47
CA PRO B 156 17.51 -13.64 18.35
C PRO B 156 18.12 -14.07 19.69
N ASP B 157 19.41 -14.36 19.70
CA ASP B 157 20.11 -14.80 20.91
C ASP B 157 20.29 -13.67 21.93
N THR B 158 20.64 -12.49 21.45
CA THR B 158 21.00 -11.40 22.33
C THR B 158 19.83 -10.44 22.50
N ALA B 159 18.76 -10.68 21.75
CA ALA B 159 17.56 -9.85 21.75
C ALA B 159 17.88 -8.40 21.36
N VAL B 160 18.94 -8.20 20.59
CA VAL B 160 19.27 -6.85 20.12
C VAL B 160 18.51 -6.52 18.84
N LEU B 161 17.93 -5.34 18.81
CA LEU B 161 17.22 -4.83 17.65
C LEU B 161 18.05 -3.77 16.94
N LYS B 162 18.09 -3.83 15.63
CA LYS B 162 18.74 -2.78 14.88
C LYS B 162 17.84 -2.27 13.80
N LEU B 163 17.67 -0.96 13.81
CA LEU B 163 16.95 -0.26 12.75
C LEU B 163 17.82 -0.25 11.47
N CYS B 164 17.25 -0.65 10.35
CA CYS B 164 17.98 -0.55 9.07
C CYS B 164 17.13 0.09 7.98
N ASP B 165 17.69 0.12 6.77
CA ASP B 165 17.07 0.74 5.59
C ASP B 165 16.81 2.24 5.74
N PHE B 166 17.85 3.03 5.51
CA PHE B 166 17.75 4.47 5.51
C PHE B 166 17.58 5.05 4.10
N GLY B 167 17.09 4.22 3.17
CA GLY B 167 16.81 4.67 1.81
C GLY B 167 15.86 5.87 1.70
N SER B 168 14.87 5.92 2.60
CA SER B 168 13.88 7.00 2.65
C SER B 168 14.19 8.05 3.69
N ALA B 169 15.26 7.86 4.44
CA ALA B 169 15.54 8.73 5.59
C ALA B 169 15.88 10.11 5.06
N LYS B 170 15.44 11.12 5.80
CA LYS B 170 15.68 12.51 5.41
C LYS B 170 15.75 13.39 6.64
N GLN B 171 16.61 14.40 6.58
CA GLN B 171 16.60 15.45 7.58
C GLN B 171 15.45 16.42 7.30
N LEU B 172 14.45 16.38 8.18
CA LEU B 172 13.28 17.24 8.07
C LEU B 172 13.60 18.66 8.57
N VAL B 173 13.34 19.64 7.72
CA VAL B 173 13.51 21.04 8.09
C VAL B 173 12.14 21.70 8.07
N ARG B 174 11.77 22.31 9.20
CA ARG B 174 10.52 23.03 9.34
C ARG B 174 10.44 24.10 8.27
N GLY B 175 9.38 24.08 7.47
CA GLY B 175 9.18 25.08 6.43
C GLY B 175 9.64 24.61 5.06
N GLU B 176 10.36 23.50 5.03
CA GLU B 176 10.70 22.82 3.79
C GLU B 176 9.77 21.64 3.59
N PRO B 177 9.10 21.56 2.43
CA PRO B 177 8.21 20.43 2.18
C PRO B 177 8.94 19.12 1.84
N ASN B 178 8.26 18.00 2.12
CA ASN B 178 8.77 16.65 1.90
C ASN B 178 7.69 15.83 1.24
N VAL B 179 8.09 14.85 0.46
CA VAL B 179 7.14 14.06 -0.32
C VAL B 179 6.22 13.29 0.62
N SER B 180 4.94 13.19 0.29
CA SER B 180 4.01 12.50 1.17
C SER B 180 4.04 11.00 0.94
N TYR B 181 4.53 10.59 -0.23
CA TYR B 181 4.33 9.20 -0.64
C TYR B 181 5.33 8.20 -0.05
N ILE B 182 6.08 8.61 0.99
CA ILE B 182 6.96 7.64 1.67
C ILE B 182 6.17 6.80 2.67
N CYS B 183 6.85 5.82 3.25
CA CYS B 183 6.32 4.99 4.32
C CYS B 183 5.40 3.91 3.73
N SER B 184 5.29 2.76 4.38
CA SER B 184 4.65 1.58 3.77
C SER B 184 3.29 1.32 4.31
N ARG B 185 2.41 0.78 3.45
CA ARG B 185 1.06 0.34 3.84
C ARG B 185 1.02 -0.35 5.20
N TYR B 186 -0.01 0.00 5.96
CA TYR B 186 -0.26 -0.44 7.33
C TYR B 186 0.46 0.48 8.32
N TYR B 187 1.57 1.08 7.91
CA TYR B 187 2.46 1.83 8.81
C TYR B 187 2.47 3.34 8.55
N ARG B 188 1.68 3.78 7.59
CA ARG B 188 1.55 5.21 7.28
C ARG B 188 0.67 5.91 8.29
N ALA B 189 1.15 7.06 8.75
CA ALA B 189 0.41 7.96 9.63
C ALA B 189 -0.72 8.64 8.83
N PRO B 190 -1.84 8.95 9.49
CA PRO B 190 -2.98 9.53 8.78
C PRO B 190 -2.63 10.83 8.05
N GLU B 191 -1.66 11.60 8.53
CA GLU B 191 -1.30 12.83 7.81
C GLU B 191 -0.64 12.52 6.46
N LEU B 192 0.09 11.40 6.37
CA LEU B 192 0.66 10.94 5.11
C LEU B 192 -0.42 10.43 4.15
N ILE B 193 -1.38 9.66 4.67
CA ILE B 193 -2.50 9.19 3.87
C ILE B 193 -3.24 10.39 3.30
N PHE B 194 -3.39 11.43 4.12
CA PHE B 194 -4.03 12.68 3.68
C PHE B 194 -3.09 13.50 2.79
N GLY B 195 -1.96 12.91 2.42
CA GLY B 195 -1.01 13.56 1.53
C GLY B 195 -0.31 14.79 2.07
N ALA B 196 -0.22 14.91 3.40
CA ALA B 196 0.48 16.03 4.00
C ALA B 196 1.91 16.09 3.50
N THR B 197 2.38 17.32 3.32
CA THR B 197 3.71 17.53 2.79
C THR B 197 4.62 18.21 3.84
N ASP B 198 4.03 18.59 4.99
CA ASP B 198 4.74 19.35 6.02
C ASP B 198 4.83 18.60 7.34
N TYR B 199 4.84 17.28 7.25
CA TYR B 199 4.84 16.43 8.43
C TYR B 199 6.16 16.51 9.20
N THR B 200 6.13 15.92 10.39
CA THR B 200 7.32 15.84 11.24
C THR B 200 7.80 14.42 11.49
N SER B 201 8.75 14.32 12.41
CA SER B 201 9.30 13.05 12.81
C SER B 201 8.27 12.19 13.54
N SER B 202 7.16 12.79 13.97
CA SER B 202 6.12 12.00 14.63
C SER B 202 5.51 10.93 13.72
N ILE B 203 5.77 10.99 12.41
CA ILE B 203 5.33 9.89 11.54
C ILE B 203 6.11 8.62 11.89
N ASP B 204 7.38 8.77 12.29
CA ASP B 204 8.14 7.59 12.75
C ASP B 204 7.45 6.95 13.98
N VAL B 205 6.89 7.80 14.84
CA VAL B 205 6.27 7.31 16.07
C VAL B 205 4.96 6.58 15.81
N TRP B 206 4.14 7.14 14.93
CA TRP B 206 2.93 6.44 14.49
C TRP B 206 3.26 5.04 13.98
N SER B 207 4.25 4.94 13.09
CA SER B 207 4.67 3.64 12.55
C SER B 207 5.09 2.63 13.63
N ALA B 208 5.92 3.10 14.59
CA ALA B 208 6.34 2.28 15.72
C ALA B 208 5.11 1.79 16.51
N GLY B 209 4.14 2.67 16.68
CA GLY B 209 2.89 2.29 17.33
C GLY B 209 2.18 1.14 16.65
N CYS B 210 2.12 1.17 15.30
CA CYS B 210 1.56 0.05 14.53
C CYS B 210 2.37 -1.24 14.73
N VAL B 211 3.69 -1.15 14.81
CA VAL B 211 4.50 -2.31 15.09
C VAL B 211 4.20 -2.90 16.48
N LEU B 212 4.10 -2.04 17.49
CA LEU B 212 3.73 -2.52 18.83
C LEU B 212 2.38 -3.21 18.77
N ALA B 213 1.37 -2.49 18.26
CA ALA B 213 0.02 -3.02 18.14
C ALA B 213 0.02 -4.37 17.41
N GLU B 214 0.71 -4.43 16.27
CA GLU B 214 0.82 -5.69 15.50
C GLU B 214 1.46 -6.82 16.29
N LEU B 215 2.52 -6.53 17.05
CA LEU B 215 3.17 -7.55 17.86
C LEU B 215 2.23 -8.09 18.93
N LEU B 216 1.44 -7.20 19.53
CA LEU B 216 0.39 -7.62 20.47
C LEU B 216 -0.79 -8.29 19.76
N LEU B 217 -1.22 -7.75 18.64
CA LEU B 217 -2.40 -8.33 17.99
C LEU B 217 -2.05 -9.63 17.28
N GLY B 218 -0.83 -9.73 16.77
CA GLY B 218 -0.45 -10.89 15.97
C GLY B 218 -0.84 -10.71 14.51
N GLN B 219 -1.28 -9.51 14.16
CA GLN B 219 -1.58 -9.16 12.77
C GLN B 219 -1.61 -7.63 12.70
N PRO B 220 -1.45 -7.05 11.50
CA PRO B 220 -1.46 -5.58 11.40
C PRO B 220 -2.74 -4.97 11.98
N ILE B 221 -2.62 -3.85 12.69
CA ILE B 221 -3.80 -3.24 13.30
C ILE B 221 -4.61 -2.44 12.29
N PHE B 222 -3.95 -1.85 11.29
CA PHE B 222 -4.67 -1.06 10.29
C PHE B 222 -4.47 -1.61 8.87
N PRO B 223 -4.98 -2.80 8.59
CA PRO B 223 -4.77 -3.37 7.25
C PRO B 223 -5.56 -2.61 6.19
N GLY B 224 -5.31 -2.90 4.92
CA GLY B 224 -6.01 -2.25 3.83
C GLY B 224 -5.09 -2.04 2.66
N ASP B 225 -5.58 -2.23 1.43
CA ASP B 225 -4.71 -2.11 0.27
C ASP B 225 -4.73 -0.71 -0.32
N SER B 226 -5.61 0.12 0.18
CA SER B 226 -5.62 1.51 -0.20
C SER B 226 -5.68 2.35 1.06
N GLY B 227 -5.34 3.62 0.94
CA GLY B 227 -5.48 4.56 2.04
C GLY B 227 -6.90 4.55 2.60
N VAL B 228 -7.91 4.45 1.73
CA VAL B 228 -9.29 4.54 2.21
C VAL B 228 -9.63 3.42 3.17
N ASP B 229 -9.13 2.22 2.88
CA ASP B 229 -9.36 1.09 3.75
C ASP B 229 -8.58 1.25 5.05
N GLN B 230 -7.34 1.70 4.92
CA GLN B 230 -6.51 1.96 6.08
C GLN B 230 -7.19 2.99 6.98
N LEU B 231 -7.68 4.05 6.37
CA LEU B 231 -8.34 5.14 7.09
C LEU B 231 -9.59 4.66 7.81
N VAL B 232 -10.32 3.75 7.18
CA VAL B 232 -11.51 3.23 7.81
C VAL B 232 -11.15 2.42 9.05
N GLU B 233 -10.09 1.62 8.94
CA GLU B 233 -9.64 0.80 10.07
C GLU B 233 -9.22 1.66 11.27
N ILE B 234 -8.58 2.79 10.95
CA ILE B 234 -8.08 3.70 11.95
C ILE B 234 -9.24 4.38 12.67
N ILE B 235 -10.24 4.76 11.89
CA ILE B 235 -11.45 5.37 12.45
C ILE B 235 -12.23 4.36 13.29
N LYS B 236 -12.16 3.08 12.93
CA LYS B 236 -12.86 2.05 13.70
C LYS B 236 -12.26 1.93 15.10
N VAL B 237 -11.00 2.35 15.22
CA VAL B 237 -10.29 2.31 16.49
C VAL B 237 -10.28 3.69 17.20
N LEU B 238 -9.89 4.74 16.49
CA LEU B 238 -9.73 6.07 17.09
C LEU B 238 -11.00 6.91 17.10
N GLY B 239 -11.99 6.50 16.31
CA GLY B 239 -13.14 7.36 16.06
C GLY B 239 -12.84 8.35 14.94
N THR B 240 -13.85 9.11 14.54
CA THR B 240 -13.70 10.06 13.45
C THR B 240 -12.86 11.27 13.90
N PRO B 241 -11.85 11.63 13.11
CA PRO B 241 -11.06 12.82 13.45
C PRO B 241 -11.88 14.11 13.40
N THR B 242 -11.73 14.95 14.40
CA THR B 242 -12.42 16.24 14.45
C THR B 242 -11.92 17.18 13.35
N ARG B 243 -12.62 18.30 13.17
CA ARG B 243 -12.21 19.31 12.19
C ARG B 243 -10.81 19.80 12.52
N GLU B 244 -10.52 20.00 13.81
CA GLU B 244 -9.21 20.43 14.27
C GLU B 244 -8.17 19.32 14.07
N GLN B 245 -8.51 18.10 14.50
CA GLN B 245 -7.60 16.96 14.33
C GLN B 245 -7.29 16.80 12.86
N ILE B 246 -8.32 16.94 12.04
CA ILE B 246 -8.13 16.88 10.59
C ILE B 246 -7.24 18.06 10.19
N ARG B 247 -7.59 19.27 10.58
CA ARG B 247 -6.80 20.46 10.25
C ARG B 247 -5.32 20.26 10.60
N GLU B 248 -5.05 19.59 11.72
CA GLU B 248 -3.67 19.31 12.13
C GLU B 248 -3.00 18.22 11.27
N MET B 249 -3.66 17.84 10.17
CA MET B 249 -3.15 16.86 9.21
C MET B 249 -3.52 17.32 7.81
N ASN B 250 -4.69 17.92 7.71
CA ASN B 250 -5.32 18.23 6.43
C ASN B 250 -4.73 19.37 5.64
N PRO B 251 -4.33 19.08 4.40
CA PRO B 251 -4.22 20.14 3.37
C PRO B 251 -5.62 20.68 3.02
N ASN B 252 -6.30 21.15 4.06
CA ASN B 252 -7.75 21.27 4.06
C ASN B 252 -8.43 20.01 3.51
N TYR B 253 -8.85 19.16 4.44
CA TYR B 253 -9.82 18.11 4.16
C TYR B 253 -11.16 18.51 4.80
N THR B 254 -11.66 19.71 4.44
CA THR B 254 -13.01 20.16 4.80
C THR B 254 -14.12 19.41 4.05
N GLU B 255 -13.77 18.25 3.50
CA GLU B 255 -14.75 17.37 2.89
C GLU B 255 -15.28 16.50 4.02
N PHE B 256 -16.49 16.83 4.49
CA PHE B 256 -17.07 16.12 5.63
C PHE B 256 -17.47 14.69 5.28
N LYS B 257 -16.70 14.06 4.40
CA LYS B 257 -17.01 12.73 3.92
C LYS B 257 -16.22 11.66 4.65
N PHE B 258 -16.19 11.72 5.98
CA PHE B 258 -15.52 10.67 6.75
C PHE B 258 -16.57 9.82 7.43
N PRO B 259 -16.36 8.49 7.44
CA PRO B 259 -17.29 7.60 8.13
C PRO B 259 -17.40 7.99 9.60
N GLN B 260 -18.63 8.23 10.07
CA GLN B 260 -18.80 8.70 11.42
C GLN B 260 -18.92 7.53 12.38
N ILE B 261 -18.00 7.50 13.35
CA ILE B 261 -17.93 6.45 14.34
C ILE B 261 -17.35 7.04 15.63
N LYS B 262 -17.93 6.69 16.77
CA LYS B 262 -17.46 7.18 18.06
C LYS B 262 -16.23 6.38 18.50
N ALA B 263 -15.38 6.99 19.31
CA ALA B 263 -14.11 6.37 19.72
C ALA B 263 -14.32 5.05 20.48
N HIS B 264 -14.03 3.95 19.80
CA HIS B 264 -14.06 2.61 20.42
C HIS B 264 -13.01 2.48 21.51
N PRO B 265 -13.40 1.88 22.65
CA PRO B 265 -12.47 1.68 23.77
C PRO B 265 -11.28 0.85 23.34
N TRP B 266 -10.09 1.34 23.63
CA TRP B 266 -8.86 0.69 23.19
C TRP B 266 -8.66 -0.72 23.74
N THR B 267 -9.23 -1.00 24.91
CA THR B 267 -9.06 -2.30 25.55
C THR B 267 -9.77 -3.41 24.77
N LYS B 268 -10.82 -3.05 24.04
CA LYS B 268 -11.63 -4.00 23.27
C LYS B 268 -10.90 -4.45 21.99
N VAL B 269 -9.81 -3.77 21.69
CA VAL B 269 -8.95 -4.07 20.55
C VAL B 269 -8.04 -5.32 20.73
N PHE B 270 -7.51 -5.51 21.92
CA PHE B 270 -6.51 -6.55 22.11
C PHE B 270 -7.03 -7.79 22.84
N ARG B 271 -6.27 -8.88 22.78
CA ARG B 271 -6.57 -10.07 23.59
C ARG B 271 -6.72 -9.63 25.04
N PRO B 272 -7.55 -10.34 25.82
CA PRO B 272 -7.70 -9.97 27.23
C PRO B 272 -6.42 -10.17 28.05
N ARG B 273 -5.53 -11.05 27.60
CA ARG B 273 -4.25 -11.26 28.29
C ARG B 273 -3.35 -10.02 28.21
N THR B 274 -3.66 -9.13 27.27
CA THR B 274 -2.84 -7.96 26.98
C THR B 274 -2.68 -7.03 28.17
N PRO B 275 -1.44 -6.74 28.56
CA PRO B 275 -1.16 -5.81 29.66
C PRO B 275 -1.72 -4.41 29.38
N PRO B 276 -2.36 -3.79 30.39
CA PRO B 276 -2.98 -2.47 30.27
C PRO B 276 -1.98 -1.37 29.85
N GLU B 277 -0.73 -1.49 30.27
CA GLU B 277 0.30 -0.53 29.94
C GLU B 277 0.66 -0.59 28.46
N ALA B 278 0.60 -1.78 27.87
CA ALA B 278 0.84 -1.92 26.43
C ALA B 278 -0.26 -1.17 25.69
N ILE B 279 -1.49 -1.42 26.11
CA ILE B 279 -2.66 -0.76 25.53
C ILE B 279 -2.59 0.75 25.72
N ALA B 280 -2.26 1.18 26.94
CA ALA B 280 -2.07 2.59 27.23
C ALA B 280 -0.95 3.19 26.38
N LEU B 281 0.15 2.45 26.22
CA LEU B 281 1.25 2.94 25.38
C LEU B 281 0.80 3.14 23.92
N CYS B 282 0.08 2.16 23.36
CA CYS B 282 -0.43 2.28 21.99
C CYS B 282 -1.24 3.55 21.79
N SER B 283 -2.16 3.83 22.73
CA SER B 283 -3.06 4.96 22.54
C SER B 283 -2.34 6.31 22.61
N ARG B 284 -1.12 6.33 23.16
CA ARG B 284 -0.35 7.57 23.22
C ARG B 284 0.62 7.66 22.04
N LEU B 285 0.83 6.56 21.33
CA LEU B 285 1.55 6.58 20.06
C LEU B 285 0.61 6.86 18.90
N LEU B 286 -0.52 6.15 18.90
CA LEU B 286 -1.50 6.23 17.80
C LEU B 286 -2.54 7.31 18.02
N GLU B 287 -2.10 8.55 17.85
CA GLU B 287 -2.96 9.71 18.04
C GLU B 287 -3.10 10.45 16.69
N TYR B 288 -4.27 11.00 16.43
CA TYR B 288 -4.52 11.76 15.22
C TYR B 288 -3.59 12.97 15.15
N THR B 289 -3.66 13.80 16.18
CA THR B 289 -2.84 14.99 16.27
C THR B 289 -1.37 14.60 16.45
N PRO B 290 -0.55 14.89 15.42
CA PRO B 290 0.85 14.43 15.42
C PRO B 290 1.66 14.93 16.64
N THR B 291 1.39 16.14 17.12
CA THR B 291 2.10 16.68 18.27
C THR B 291 1.64 16.09 19.61
N ALA B 292 0.47 15.44 19.64
CA ALA B 292 -0.03 14.83 20.87
C ALA B 292 0.62 13.47 21.12
N ARG B 293 1.27 12.95 20.09
CA ARG B 293 1.95 11.67 20.19
C ARG B 293 3.19 11.79 21.05
N LEU B 294 3.52 10.72 21.77
CA LEU B 294 4.75 10.65 22.55
C LEU B 294 5.99 10.88 21.70
N THR B 295 7.02 11.50 22.27
CA THR B 295 8.33 11.48 21.63
C THR B 295 8.92 10.09 21.86
N PRO B 296 9.89 9.69 21.02
CA PRO B 296 10.54 8.39 21.24
C PRO B 296 11.11 8.26 22.67
N LEU B 297 11.75 9.33 23.14
CA LEU B 297 12.36 9.27 24.47
C LEU B 297 11.29 9.08 25.54
N GLU B 298 10.20 9.82 25.43
CA GLU B 298 9.09 9.71 26.37
C GLU B 298 8.52 8.30 26.42
N ALA B 299 8.47 7.65 25.25
CA ALA B 299 7.96 6.30 25.12
C ALA B 299 8.90 5.27 25.80
N CYS B 300 10.20 5.49 25.66
CA CYS B 300 11.14 4.68 26.38
C CYS B 300 10.86 4.77 27.89
N ALA B 301 10.38 5.94 28.34
CA ALA B 301 10.13 6.15 29.76
C ALA B 301 8.76 5.66 30.17
N HIS B 302 8.01 5.10 29.24
CA HIS B 302 6.65 4.66 29.53
C HIS B 302 6.67 3.49 30.49
N SER B 303 5.65 3.40 31.35
CA SER B 303 5.59 2.39 32.40
C SER B 303 5.56 0.97 31.85
N PHE B 304 5.12 0.81 30.60
CA PHE B 304 5.17 -0.48 29.92
C PHE B 304 6.58 -1.07 29.92
N PHE B 305 7.59 -0.21 29.89
CA PHE B 305 8.94 -0.71 29.86
C PHE B 305 9.56 -0.87 31.26
N ASP B 306 8.75 -0.76 32.33
CA ASP B 306 9.32 -0.80 33.68
C ASP B 306 10.04 -2.09 33.95
N GLU B 307 9.47 -3.21 33.51
CA GLU B 307 10.09 -4.51 33.68
C GLU B 307 11.52 -4.54 33.15
N LEU B 308 11.81 -3.77 32.11
CA LEU B 308 13.17 -3.75 31.57
C LEU B 308 14.15 -3.04 32.47
N ARG B 309 13.65 -2.25 33.40
CA ARG B 309 14.50 -1.42 34.25
C ARG B 309 14.75 -2.08 35.61
N ASP B 310 14.18 -3.26 35.81
CA ASP B 310 14.46 -4.11 36.95
C ASP B 310 15.88 -4.69 36.83
N PRO B 311 16.68 -4.62 37.91
CA PRO B 311 18.01 -5.26 37.90
C PRO B 311 17.95 -6.79 37.77
N ASN B 312 16.81 -7.36 38.16
CA ASN B 312 16.57 -8.80 38.14
C ASN B 312 16.04 -9.35 36.83
N VAL B 313 15.81 -8.48 35.84
CA VAL B 313 15.23 -8.96 34.59
C VAL B 313 16.24 -9.78 33.80
N LYS B 314 15.78 -10.92 33.31
CA LYS B 314 16.63 -11.79 32.51
C LYS B 314 15.88 -12.26 31.26
N LEU B 315 16.62 -12.67 30.24
CA LEU B 315 16.00 -13.27 29.07
C LEU B 315 15.59 -14.69 29.41
N PRO B 316 14.53 -15.18 28.75
CA PRO B 316 14.12 -16.59 28.87
C PRO B 316 15.26 -17.59 28.62
N ASN B 317 16.19 -17.24 27.74
CA ASN B 317 17.29 -18.15 27.41
C ASN B 317 18.42 -18.12 28.44
N GLY B 318 18.18 -17.41 29.53
CA GLY B 318 19.13 -17.36 30.62
C GLY B 318 20.13 -16.24 30.44
N ARG B 319 20.28 -15.75 29.21
CA ARG B 319 21.25 -14.71 28.95
C ARG B 319 20.71 -13.42 29.54
N ASP B 320 21.54 -12.38 29.59
CA ASP B 320 21.02 -11.10 30.07
C ASP B 320 20.56 -10.18 28.95
N THR B 321 19.90 -9.11 29.34
CA THR B 321 19.42 -8.11 28.40
C THR B 321 20.58 -7.32 27.80
N PRO B 322 20.41 -6.83 26.57
CA PRO B 322 21.41 -5.91 26.03
C PRO B 322 21.47 -4.63 26.85
N ALA B 323 22.46 -3.78 26.61
CA ALA B 323 22.60 -2.54 27.37
C ALA B 323 21.51 -1.52 27.02
N LEU B 324 20.60 -1.28 27.96
CA LEU B 324 19.41 -0.47 27.70
C LEU B 324 19.47 0.95 28.27
N PHE B 325 20.52 1.26 29.02
CA PHE B 325 20.50 2.46 29.86
C PHE B 325 21.67 3.40 29.61
N ASN B 326 22.61 2.98 28.78
CA ASN B 326 23.78 3.81 28.48
C ASN B 326 23.47 4.99 27.56
N PHE B 327 22.51 5.80 27.96
CA PHE B 327 22.10 6.96 27.17
C PHE B 327 23.23 7.96 27.03
N THR B 328 23.35 8.55 25.84
CA THR B 328 24.29 9.63 25.63
C THR B 328 23.59 10.98 25.74
N THR B 329 24.37 12.05 25.88
CA THR B 329 23.81 13.40 25.89
C THR B 329 23.01 13.67 24.63
N GLN B 330 23.51 13.16 23.51
CA GLN B 330 22.82 13.29 22.22
C GLN B 330 21.43 12.67 22.31
N GLU B 331 21.37 11.42 22.77
CA GLU B 331 20.12 10.69 22.96
C GLU B 331 19.13 11.39 23.91
N LEU B 332 19.64 12.10 24.91
CA LEU B 332 18.78 12.69 25.94
C LEU B 332 18.40 14.14 25.66
N SER B 333 18.98 14.70 24.60
CA SER B 333 18.93 16.16 24.36
C SER B 333 17.52 16.74 24.24
N SER B 334 16.56 15.99 23.70
CA SER B 334 15.21 16.52 23.53
C SER B 334 14.50 16.70 24.87
N ASN B 335 14.94 15.96 25.87
CA ASN B 335 14.34 16.04 27.19
C ASN B 335 15.28 15.49 28.27
N PRO B 336 16.38 16.21 28.54
CA PRO B 336 17.37 15.79 29.55
C PRO B 336 16.83 15.29 30.90
N PRO B 337 15.78 15.94 31.48
CA PRO B 337 15.28 15.42 32.76
C PRO B 337 14.64 14.02 32.70
N LEU B 338 14.39 13.48 31.51
CA LEU B 338 13.81 12.13 31.45
C LEU B 338 14.80 11.05 31.91
N ALA B 339 16.07 11.43 32.11
CA ALA B 339 17.12 10.49 32.50
C ALA B 339 16.77 9.92 33.86
N THR B 340 16.11 10.76 34.65
CA THR B 340 15.49 10.42 35.93
C THR B 340 14.72 9.10 35.96
N ILE B 341 13.96 8.83 34.90
CA ILE B 341 13.22 7.60 34.72
C ILE B 341 14.03 6.60 33.91
N LEU B 342 14.61 7.10 32.81
CA LEU B 342 15.29 6.25 31.84
C LEU B 342 16.47 5.48 32.44
N ILE B 343 17.24 6.12 33.30
CA ILE B 343 18.40 5.48 33.89
C ILE B 343 18.13 5.03 35.33
N PRO B 344 17.85 3.72 35.52
CA PRO B 344 17.48 3.25 36.86
C PRO B 344 18.65 3.30 37.84
N PRO B 345 18.33 3.37 39.15
CA PRO B 345 19.35 3.49 40.17
C PRO B 345 20.54 2.53 40.04
N HIS B 346 20.35 1.31 39.53
CA HIS B 346 21.51 0.41 39.46
C HIS B 346 22.41 0.64 38.24
N ALA B 347 21.97 1.48 37.30
CA ALA B 347 22.85 1.94 36.23
C ALA B 347 23.51 3.23 36.66
N ARG B 348 23.32 3.60 37.93
CA ARG B 348 23.71 4.91 38.39
C ARG B 348 24.89 4.76 39.34
N ILE B 349 25.36 3.52 39.46
CA ILE B 349 26.31 3.11 40.49
C ILE B 349 27.77 3.19 40.03
N GLN B 350 28.61 3.89 40.80
CA GLN B 350 30.04 3.99 40.52
C GLN B 350 30.70 2.62 40.49
C1 3UO C . -19.62 -9.38 -6.08
C2 3UO C . -18.82 -10.51 -5.96
C3 3UO C . -19.21 -11.68 -6.63
N4 3UO C . -20.33 -11.74 -7.38
C5 3UO C . -21.08 -10.64 -7.48
C6 3UO C . -20.77 -9.45 -6.86
C7 3UO C . -19.26 -8.11 -5.40
N8 3UO C . -18.47 -12.86 -6.66
N9 3UO C . -18.23 -8.16 -4.54
O10 3UO C . -19.88 -7.06 -5.64
C11 3UO C . -17.27 -13.10 -6.10
C12 3UO C . -16.68 -14.45 -6.45
O13 3UO C . -16.67 -12.31 -5.37
C14 3UO C . -15.18 -14.53 -6.64
C15 3UO C . -15.78 -15.12 -5.43
C16 3UO C . -17.65 -7.07 -3.86
C17 3UO C . -18.20 -5.80 -3.63
N18 3UO C . -17.58 -4.79 -3.02
C19 3UO C . -16.34 -5.02 -2.59
C20 3UO C . -15.69 -6.23 -2.74
C21 3UO C . -16.38 -7.27 -3.37
O22 3UO C . -15.93 -8.56 -3.42
C23 3UO C . -14.89 -8.96 -2.51
C1 3UO D . 20.64 -5.46 6.25
C2 3UO D . 19.98 -6.68 6.35
C3 3UO D . 20.55 -7.66 7.19
N4 3UO D . 21.68 -7.47 7.87
C5 3UO D . 22.30 -6.30 7.73
C6 3UO D . 21.84 -5.27 6.93
C7 3UO D . 20.03 -4.29 5.53
N8 3UO D . 19.99 -8.92 7.41
N9 3UO D . 19.01 -4.59 4.68
O10 3UO D . 20.44 -3.14 5.74
C11 3UO D . 18.90 -9.47 6.82
C12 3UO D . 18.41 -10.75 7.46
O13 3UO D . 18.37 -9.00 5.83
C14 3UO D . 16.92 -11.00 7.47
C15 3UO D . 17.78 -11.78 6.54
C16 3UO D . 18.27 -3.70 3.88
C17 3UO D . 18.63 -2.43 3.44
N18 3UO D . 17.89 -1.64 2.65
C19 3UO D . 16.71 -2.12 2.26
C20 3UO D . 16.23 -3.37 2.63
C21 3UO D . 17.03 -4.15 3.44
O22 3UO D . 16.75 -5.44 3.77
C23 3UO D . 15.69 -6.09 3.06
#